data_8ZP3
#
_entry.id   8ZP3
#
_entity_poly.entity_id   1
_entity_poly.type   'polypeptide(L)'
_entity_poly.pdbx_seq_one_letter_code
;YRQSSATSSFGGLGGGSVRFGPGVAFRAPEIHG
;
_entity_poly.pdbx_strand_id   A
#
# COMPACT_ATOMS: atom_id res chain seq x y z
N TYR A 1 6.15 0.97 -4.04
CA TYR A 1 4.75 0.72 -4.48
C TYR A 1 3.99 0.01 -3.36
N ARG A 2 2.73 0.41 -3.17
CA ARG A 2 1.88 -0.19 -2.14
C ARG A 2 1.12 -1.38 -2.72
N GLN A 3 1.37 -2.57 -2.16
CA GLN A 3 0.70 -3.79 -2.63
C GLN A 3 -0.69 -3.90 -2.02
N SER A 4 -1.64 -4.41 -2.81
CA SER A 4 -3.02 -4.57 -2.36
C SER A 4 -3.10 -5.54 -1.18
N SER A 5 -2.25 -6.58 -1.21
CA SER A 5 -2.23 -7.58 -0.14
C SER A 5 -3.63 -8.18 0.06
N ALA A 6 -3.75 -9.09 1.02
CA ALA A 6 -5.03 -9.72 1.32
C ALA A 6 -6.03 -8.70 1.83
N THR A 7 -7.28 -8.80 1.35
CA THR A 7 -8.34 -7.88 1.77
C THR A 7 -9.72 -8.53 1.60
N SER A 8 -10.66 -8.08 2.42
CA SER A 8 -12.02 -8.62 2.37
C SER A 8 -12.68 -8.31 1.03
N SER A 9 -12.40 -7.12 0.49
CA SER A 9 -12.95 -6.71 -0.80
C SER A 9 -11.83 -6.21 -1.71
N PHE A 10 -11.99 -6.45 -3.02
CA PHE A 10 -10.98 -6.03 -4.00
C PHE A 10 -11.63 -5.76 -5.36
N GLY A 11 -10.95 -4.93 -6.17
CA GLY A 11 -11.44 -4.57 -7.50
C GLY A 11 -11.56 -5.78 -8.41
N GLY A 12 -10.55 -6.66 -8.35
CA GLY A 12 -10.54 -7.88 -9.17
C GLY A 12 -9.33 -8.74 -8.85
N LEU A 13 -9.21 -9.86 -9.57
CA LEU A 13 -8.10 -10.79 -9.36
C LEU A 13 -6.77 -10.12 -9.66
N GLY A 14 -6.74 -9.30 -10.71
CA GLY A 14 -5.52 -8.60 -11.11
C GLY A 14 -5.13 -7.55 -10.07
N GLY A 15 -3.82 -7.30 -9.96
CA GLY A 15 -3.32 -6.32 -9.00
C GLY A 15 -3.86 -4.92 -9.29
N GLY A 16 -3.93 -4.58 -10.58
CA GLY A 16 -4.43 -3.28 -11.00
C GLY A 16 -3.60 -2.16 -10.39
N SER A 17 -4.29 -1.17 -9.81
CA SER A 17 -3.63 -0.03 -9.18
C SER A 17 -4.14 0.17 -7.76
N VAL A 18 -3.29 0.75 -6.91
CA VAL A 18 -3.64 1.02 -5.52
C VAL A 18 -3.71 2.53 -5.29
N ARG A 19 -4.82 2.99 -4.73
CA ARG A 19 -5.00 4.42 -4.47
C ARG A 19 -4.53 4.76 -3.06
N PHE A 20 -3.49 5.58 -3.01
CA PHE A 20 -2.87 6.01 -1.76
C PHE A 20 -2.72 7.52 -1.71
N GLY A 21 -2.54 8.07 -0.51
CA GLY A 21 -2.37 9.50 -0.33
C GLY A 21 -1.01 9.94 -0.89
N PRO A 22 -0.80 11.24 -1.16
CA PRO A 22 0.51 11.72 -1.72
C PRO A 22 1.64 11.58 -0.71
N GLY A 23 2.82 11.24 -1.22
CA GLY A 23 4.01 11.05 -0.37
C GLY A 23 5.11 10.35 -1.15
N VAL A 24 6.00 9.69 -0.42
CA VAL A 24 7.12 8.96 -1.04
C VAL A 24 7.16 7.53 -0.52
N ALA A 25 7.71 6.63 -1.34
CA ALA A 25 7.82 5.22 -0.96
C ALA A 25 9.26 4.86 -0.68
N PHE A 26 9.57 4.70 0.62
CA PHE A 26 10.92 4.36 1.06
C PHE A 26 10.90 3.11 1.95
N ARG A 27 12.02 2.40 1.99
CA ARG A 27 12.12 1.21 2.83
C ARG A 27 12.03 1.62 4.30
N ALA A 28 11.34 0.81 5.12
CA ALA A 28 11.18 1.14 6.52
C ALA A 28 12.54 1.11 7.24
N PRO A 29 13.04 2.23 7.77
CA PRO A 29 14.36 2.25 8.49
C PRO A 29 14.23 1.72 9.92
N GLU A 30 15.37 1.40 10.53
CA GLU A 30 15.37 0.89 11.90
C GLU A 30 14.88 1.99 12.83
N ILE A 31 13.65 1.81 13.35
CA ILE A 31 13.04 2.80 14.26
C ILE A 31 12.65 2.14 15.58
N HIS A 32 12.39 2.97 16.58
CA HIS A 32 12.02 2.47 17.91
C HIS A 32 10.71 3.09 18.38
N GLY A 33 9.87 2.27 19.01
CA GLY A 33 8.58 2.72 19.52
C GLY A 33 8.69 3.18 20.97
N TYR A 1 4.81 -0.24 -1.99
CA TYR A 1 3.33 -0.31 -2.15
C TYR A 1 2.72 -0.93 -0.89
N ARG A 2 1.44 -0.61 -0.65
CA ARG A 2 0.72 -1.13 0.50
C ARG A 2 -0.13 -2.34 0.11
N GLN A 3 0.15 -3.48 0.72
CA GLN A 3 -0.60 -4.71 0.45
C GLN A 3 -1.75 -4.86 1.43
N SER A 4 -2.89 -5.34 0.93
CA SER A 4 -4.07 -5.55 1.76
C SER A 4 -4.62 -6.95 1.57
N SER A 5 -4.56 -7.76 2.63
CA SER A 5 -5.06 -9.13 2.57
C SER A 5 -6.57 -9.16 2.31
N ALA A 6 -7.29 -8.29 3.03
CA ALA A 6 -8.75 -8.22 2.89
C ALA A 6 -9.14 -7.68 1.52
N THR A 7 -10.16 -8.29 0.93
CA THR A 7 -10.66 -7.87 -0.38
C THR A 7 -12.12 -8.29 -0.57
N SER A 8 -12.86 -7.52 -1.35
CA SER A 8 -14.27 -7.83 -1.61
C SER A 8 -14.43 -8.53 -2.98
N SER A 9 -14.16 -7.79 -4.05
CA SER A 9 -14.26 -8.33 -5.41
C SER A 9 -13.43 -7.51 -6.37
N PHE A 10 -12.71 -8.19 -7.27
CA PHE A 10 -11.87 -7.50 -8.25
C PHE A 10 -11.56 -8.42 -9.44
N GLY A 11 -11.25 -7.81 -10.58
CA GLY A 11 -10.92 -8.55 -11.80
C GLY A 11 -9.65 -9.39 -11.61
N GLY A 12 -8.67 -8.78 -10.95
CA GLY A 12 -7.40 -9.46 -10.70
C GLY A 12 -6.54 -8.62 -9.75
N LEU A 13 -5.34 -9.13 -9.42
CA LEU A 13 -4.43 -8.43 -8.53
C LEU A 13 -4.02 -7.08 -9.12
N GLY A 14 -3.76 -7.08 -10.43
CA GLY A 14 -3.36 -5.86 -11.14
C GLY A 14 -4.48 -4.81 -11.07
N GLY A 15 -5.72 -5.28 -11.26
CA GLY A 15 -6.89 -4.39 -11.22
C GLY A 15 -7.04 -3.71 -9.87
N GLY A 16 -6.79 -4.48 -8.81
CA GLY A 16 -6.90 -3.95 -7.45
C GLY A 16 -5.86 -2.87 -7.17
N SER A 17 -6.21 -1.93 -6.31
CA SER A 17 -5.30 -0.83 -5.96
C SER A 17 -5.66 -0.26 -4.58
N VAL A 18 -4.71 0.48 -4.00
CA VAL A 18 -4.91 1.09 -2.69
C VAL A 18 -4.70 2.60 -2.80
N ARG A 19 -5.67 3.36 -2.27
CA ARG A 19 -5.59 4.82 -2.31
C ARG A 19 -4.90 5.35 -1.06
N PHE A 20 -3.76 5.97 -1.27
CA PHE A 20 -2.94 6.52 -0.20
C PHE A 20 -2.56 7.97 -0.50
N GLY A 21 -2.17 8.69 0.55
CA GLY A 21 -1.77 10.09 0.41
C GLY A 21 -0.43 10.19 -0.32
N PRO A 22 -0.10 11.32 -0.96
CA PRO A 22 1.20 11.48 -1.69
C PRO A 22 2.40 11.52 -0.74
N GLY A 23 3.53 11.02 -1.22
CA GLY A 23 4.77 11.00 -0.43
C GLY A 23 5.83 10.15 -1.12
N VAL A 24 6.89 9.84 -0.38
CA VAL A 24 7.98 9.03 -0.91
C VAL A 24 8.04 7.69 -0.17
N ALA A 25 7.96 6.59 -0.92
CA ALA A 25 8.01 5.26 -0.32
C ALA A 25 9.45 4.77 -0.23
N PHE A 26 9.96 4.74 1.00
CA PHE A 26 11.33 4.30 1.26
C PHE A 26 11.36 3.18 2.30
N ARG A 27 12.40 2.34 2.24
CA ARG A 27 12.55 1.27 3.22
C ARG A 27 12.77 1.87 4.60
N ALA A 28 12.18 1.27 5.63
CA ALA A 28 12.33 1.79 6.98
C ALA A 28 13.80 1.68 7.44
N PRO A 29 14.52 2.80 7.64
CA PRO A 29 15.94 2.76 8.10
C PRO A 29 16.04 2.52 9.60
N GLU A 30 17.23 2.14 10.07
CA GLU A 30 17.42 1.91 11.51
C GLU A 30 17.17 3.21 12.26
N ILE A 31 16.20 3.17 13.18
CA ILE A 31 15.86 4.36 13.98
C ILE A 31 15.96 4.03 15.47
N HIS A 32 16.02 5.08 16.29
CA HIS A 32 16.15 4.89 17.74
C HIS A 32 15.04 5.64 18.48
N GLY A 33 14.52 5.00 19.54
CA GLY A 33 13.45 5.60 20.33
C GLY A 33 13.55 5.17 21.79
N TYR A 1 -0.64 1.92 -2.51
CA TYR A 1 -1.36 0.70 -2.98
C TYR A 1 -2.22 0.16 -1.84
N ARG A 2 -3.41 -0.32 -2.19
CA ARG A 2 -4.35 -0.87 -1.21
C ARG A 2 -4.20 -2.39 -1.14
N GLN A 3 -3.80 -2.89 0.03
CA GLN A 3 -3.64 -4.34 0.22
C GLN A 3 -4.92 -4.95 0.76
N SER A 4 -5.37 -6.03 0.11
CA SER A 4 -6.61 -6.71 0.52
C SER A 4 -6.49 -8.20 0.27
N SER A 5 -7.06 -8.99 1.19
CA SER A 5 -7.02 -10.45 1.09
C SER A 5 -7.92 -10.93 -0.04
N ALA A 6 -7.68 -12.17 -0.49
CA ALA A 6 -8.46 -12.76 -1.57
C ALA A 6 -9.93 -12.91 -1.16
N THR A 7 -10.83 -12.71 -2.12
CA THR A 7 -12.27 -12.82 -1.87
C THR A 7 -12.92 -13.73 -2.90
N SER A 8 -14.12 -14.24 -2.56
CA SER A 8 -14.85 -15.12 -3.46
C SER A 8 -15.18 -14.42 -4.77
N SER A 9 -15.58 -13.15 -4.67
CA SER A 9 -15.92 -12.35 -5.85
C SER A 9 -15.60 -10.88 -5.62
N PHE A 10 -15.11 -10.23 -6.68
CA PHE A 10 -14.76 -8.81 -6.60
C PHE A 10 -14.86 -8.14 -7.98
N GLY A 11 -15.02 -6.82 -7.98
CA GLY A 11 -15.15 -6.06 -9.23
C GLY A 11 -13.90 -6.18 -10.09
N GLY A 12 -12.73 -6.10 -9.44
CA GLY A 12 -11.45 -6.19 -10.14
C GLY A 12 -10.31 -5.67 -9.27
N LEU A 13 -9.13 -5.54 -9.87
CA LEU A 13 -7.96 -5.05 -9.15
C LEU A 13 -7.03 -4.27 -10.10
N GLY A 14 -6.25 -3.35 -9.52
CA GLY A 14 -5.33 -2.53 -10.30
C GLY A 14 -4.58 -1.55 -9.41
N GLY A 15 -3.67 -0.79 -10.01
CA GLY A 15 -2.88 0.19 -9.27
C GLY A 15 -3.68 1.48 -9.06
N GLY A 16 -3.11 2.41 -8.29
CA GLY A 16 -3.77 3.68 -8.02
C GLY A 16 -4.98 3.51 -7.11
N SER A 17 -4.96 2.47 -6.28
CA SER A 17 -6.07 2.20 -5.36
C SER A 17 -6.26 3.36 -4.39
N VAL A 18 -5.15 3.90 -3.89
CA VAL A 18 -5.20 5.02 -2.94
C VAL A 18 -4.34 6.18 -3.45
N ARG A 19 -4.65 7.39 -2.97
CA ARG A 19 -3.90 8.57 -3.36
C ARG A 19 -2.80 8.87 -2.36
N PHE A 20 -1.58 8.65 -2.79
CA PHE A 20 -0.38 8.84 -1.97
C PHE A 20 0.65 9.70 -2.68
N GLY A 21 1.60 10.24 -1.92
CA GLY A 21 2.65 11.08 -2.48
C GLY A 21 3.64 10.22 -3.29
N PRO A 22 4.43 10.82 -4.19
CA PRO A 22 5.42 10.05 -5.02
C PRO A 22 6.51 9.39 -4.17
N GLY A 23 6.71 9.89 -2.95
CA GLY A 23 7.71 9.34 -2.05
C GLY A 23 7.25 8.00 -1.49
N VAL A 24 8.15 7.32 -0.76
CA VAL A 24 7.83 6.02 -0.18
C VAL A 24 7.78 6.14 1.34
N ALA A 25 6.66 5.71 1.93
CA ALA A 25 6.48 5.76 3.37
C ALA A 25 7.02 4.48 4.03
N PHE A 26 8.14 4.62 4.72
CA PHE A 26 8.78 3.48 5.39
C PHE A 26 9.01 3.80 6.87
N ARG A 27 9.07 2.76 7.70
CA ARG A 27 9.32 2.94 9.12
C ARG A 27 10.73 3.51 9.30
N ALA A 28 10.89 4.44 10.26
CA ALA A 28 12.20 5.05 10.49
C ALA A 28 13.20 4.00 10.99
N PRO A 29 14.28 3.71 10.25
CA PRO A 29 15.30 2.70 10.69
C PRO A 29 16.26 3.29 11.73
N GLU A 30 16.99 2.41 12.43
CA GLU A 30 17.95 2.87 13.43
C GLU A 30 19.07 3.66 12.75
N ILE A 31 19.05 4.97 12.94
CA ILE A 31 20.06 5.85 12.34
C ILE A 31 20.78 6.66 13.40
N HIS A 32 21.92 7.25 13.02
CA HIS A 32 22.74 8.03 13.96
C HIS A 32 23.00 9.42 13.40
N GLY A 33 22.95 10.42 14.29
CA GLY A 33 23.19 11.81 13.90
C GLY A 33 22.60 12.77 14.92
N TYR A 1 4.78 -4.43 -1.71
CA TYR A 1 3.47 -4.99 -2.17
C TYR A 1 3.55 -5.26 -3.67
N ARG A 2 2.68 -6.15 -4.14
CA ARG A 2 2.62 -6.51 -5.55
C ARG A 2 1.49 -5.73 -6.23
N GLN A 3 1.85 -4.94 -7.25
CA GLN A 3 0.86 -4.15 -7.97
C GLN A 3 0.03 -5.02 -8.89
N SER A 4 -1.27 -4.71 -8.99
CA SER A 4 -2.18 -5.47 -9.84
C SER A 4 -2.98 -4.53 -10.74
N SER A 5 -3.39 -5.04 -11.90
CA SER A 5 -4.17 -4.25 -12.85
C SER A 5 -5.51 -3.80 -12.25
N ALA A 6 -5.98 -4.56 -11.24
CA ALA A 6 -7.25 -4.25 -10.58
C ALA A 6 -7.16 -2.89 -9.88
N THR A 7 -8.30 -2.21 -9.78
CA THR A 7 -8.36 -0.89 -9.13
C THR A 7 -9.44 -0.86 -8.05
N SER A 8 -9.36 0.16 -7.19
CA SER A 8 -10.33 0.33 -6.10
C SER A 8 -11.59 1.06 -6.57
N SER A 9 -11.72 1.27 -7.89
CA SER A 9 -12.89 1.95 -8.45
C SER A 9 -14.17 1.20 -8.13
N PHE A 10 -14.10 -0.14 -8.14
CA PHE A 10 -15.27 -0.98 -7.87
C PHE A 10 -14.93 -2.06 -6.83
N GLY A 11 -15.96 -2.64 -6.22
CA GLY A 11 -15.77 -3.67 -5.20
C GLY A 11 -15.24 -4.96 -5.81
N GLY A 12 -14.84 -5.89 -4.93
CA GLY A 12 -14.29 -7.17 -5.38
C GLY A 12 -12.75 -7.19 -5.39
N LEU A 13 -12.14 -6.12 -4.84
CA LEU A 13 -10.68 -6.04 -4.78
C LEU A 13 -10.19 -6.23 -3.34
N GLY A 14 -9.32 -7.22 -3.15
CA GLY A 14 -8.77 -7.51 -1.83
C GLY A 14 -7.77 -8.67 -1.89
N GLY A 15 -7.18 -9.00 -0.75
CA GLY A 15 -6.20 -10.08 -0.68
C GLY A 15 -5.67 -10.25 0.74
N GLY A 16 -4.76 -11.22 0.90
CA GLY A 16 -4.15 -11.50 2.20
C GLY A 16 -3.28 -10.33 2.70
N SER A 17 -2.85 -9.47 1.76
CA SER A 17 -2.01 -8.32 2.10
C SER A 17 -2.69 -7.41 3.12
N VAL A 18 -1.90 -6.82 3.99
CA VAL A 18 -2.41 -5.91 5.03
C VAL A 18 -2.98 -4.66 4.38
N ARG A 19 -4.14 -4.21 4.88
CA ARG A 19 -4.80 -3.02 4.33
C ARG A 19 -4.28 -1.76 5.02
N PHE A 20 -3.69 -0.89 4.21
CA PHE A 20 -3.12 0.37 4.70
C PHE A 20 -3.61 1.54 3.87
N GLY A 21 -3.53 2.75 4.44
CA GLY A 21 -3.97 3.96 3.74
C GLY A 21 -2.93 4.37 2.67
N PRO A 22 -3.25 5.33 1.81
CA PRO A 22 -2.29 5.78 0.74
C PRO A 22 -0.94 6.21 1.31
N GLY A 23 0.13 5.80 0.64
CA GLY A 23 1.49 6.13 1.08
C GLY A 23 2.52 5.29 0.32
N VAL A 24 3.75 5.28 0.84
CA VAL A 24 4.83 4.52 0.21
C VAL A 24 5.53 3.64 1.24
N ALA A 25 6.16 2.56 0.76
CA ALA A 25 6.86 1.63 1.65
C ALA A 25 8.37 1.78 1.48
N PHE A 26 9.00 2.39 2.48
CA PHE A 26 10.45 2.61 2.47
C PHE A 26 11.10 2.04 3.72
N ARG A 27 12.38 1.72 3.64
CA ARG A 27 13.11 1.20 4.79
C ARG A 27 13.27 2.32 5.81
N ALA A 28 13.11 1.99 7.10
CA ALA A 28 13.21 3.02 8.14
C ALA A 28 14.63 3.60 8.17
N PRO A 29 14.84 4.88 7.83
CA PRO A 29 16.18 5.51 7.86
C PRO A 29 16.57 5.94 9.27
N GLU A 30 17.86 6.21 9.48
CA GLU A 30 18.32 6.65 10.80
C GLU A 30 17.67 7.98 11.15
N ILE A 31 16.96 8.02 12.28
CA ILE A 31 16.29 9.23 12.73
C ILE A 31 16.75 9.61 14.13
N HIS A 32 16.47 10.86 14.52
CA HIS A 32 16.90 11.36 15.83
C HIS A 32 15.72 11.92 16.61
N GLY A 33 15.68 11.64 17.91
CA GLY A 33 14.61 12.12 18.78
C GLY A 33 14.20 11.04 19.79
N TYR A 1 3.37 0.21 -9.65
CA TYR A 1 2.47 -0.26 -8.55
C TYR A 1 3.28 -1.08 -7.55
N ARG A 2 3.00 -0.89 -6.27
CA ARG A 2 3.69 -1.62 -5.21
C ARG A 2 2.94 -2.92 -4.90
N GLN A 3 3.61 -4.05 -5.10
CA GLN A 3 3.00 -5.36 -4.82
C GLN A 3 3.31 -5.80 -3.40
N SER A 4 2.31 -6.37 -2.73
CA SER A 4 2.47 -6.86 -1.36
C SER A 4 1.57 -8.05 -1.10
N SER A 5 2.10 -9.04 -0.38
CA SER A 5 1.33 -10.24 -0.05
C SER A 5 0.13 -9.90 0.82
N ALA A 6 0.33 -8.98 1.77
CA ALA A 6 -0.73 -8.56 2.68
C ALA A 6 -1.85 -7.86 1.91
N THR A 7 -3.10 -8.11 2.33
CA THR A 7 -4.26 -7.51 1.69
C THR A 7 -4.83 -6.34 2.49
N SER A 8 -4.18 -5.99 3.62
CA SER A 8 -4.64 -4.90 4.47
C SER A 8 -4.63 -3.56 3.72
N SER A 9 -3.67 -3.42 2.80
CA SER A 9 -3.56 -2.19 2.01
C SER A 9 -4.81 -1.96 1.18
N PHE A 10 -5.34 -3.04 0.61
CA PHE A 10 -6.53 -2.93 -0.24
C PHE A 10 -7.79 -3.33 0.55
N GLY A 11 -8.19 -2.46 1.47
CA GLY A 11 -9.38 -2.69 2.29
C GLY A 11 -10.65 -2.75 1.44
N GLY A 12 -10.73 -1.86 0.45
CA GLY A 12 -11.89 -1.79 -0.43
C GLY A 12 -11.78 -2.81 -1.56
N LEU A 13 -12.73 -2.75 -2.50
CA LEU A 13 -12.75 -3.66 -3.64
C LEU A 13 -12.55 -2.89 -4.94
N GLY A 14 -11.79 -3.49 -5.87
CA GLY A 14 -11.52 -2.86 -7.16
C GLY A 14 -10.64 -3.76 -8.02
N GLY A 15 -10.22 -3.22 -9.17
CA GLY A 15 -9.36 -3.96 -10.10
C GLY A 15 -8.46 -3.02 -10.89
N GLY A 16 -7.48 -3.59 -11.58
CA GLY A 16 -6.55 -2.80 -12.38
C GLY A 16 -5.80 -1.80 -11.51
N SER A 17 -5.76 -0.55 -11.96
CA SER A 17 -5.08 0.52 -11.22
C SER A 17 -5.84 0.86 -9.95
N VAL A 18 -5.11 1.31 -8.93
CA VAL A 18 -5.70 1.68 -7.66
C VAL A 18 -5.47 3.18 -7.41
N ARG A 19 -6.55 3.90 -7.10
CA ARG A 19 -6.45 5.32 -6.84
C ARG A 19 -6.14 5.57 -5.37
N PHE A 20 -4.98 6.17 -5.13
CA PHE A 20 -4.51 6.46 -3.78
C PHE A 20 -4.09 7.92 -3.66
N GLY A 21 -4.02 8.42 -2.43
CA GLY A 21 -3.63 9.80 -2.17
C GLY A 21 -2.14 10.01 -2.48
N PRO A 22 -1.68 11.22 -2.75
CA PRO A 22 -0.24 11.49 -3.05
C PRO A 22 0.65 11.30 -1.83
N GLY A 23 1.89 10.89 -2.07
CA GLY A 23 2.85 10.66 -0.99
C GLY A 23 4.09 9.93 -1.51
N VAL A 24 4.92 9.44 -0.58
CA VAL A 24 6.13 8.72 -0.95
C VAL A 24 6.01 7.25 -0.52
N ALA A 25 6.17 6.35 -1.48
CA ALA A 25 6.07 4.92 -1.20
C ALA A 25 7.44 4.36 -0.81
N PHE A 26 7.58 4.04 0.48
CA PHE A 26 8.83 3.50 1.00
C PHE A 26 8.59 2.18 1.73
N ARG A 27 9.63 1.36 1.84
CA ARG A 27 9.53 0.08 2.54
C ARG A 27 9.33 0.36 4.03
N ALA A 28 8.46 -0.41 4.67
CA ALA A 28 8.18 -0.21 6.08
C ALA A 28 9.45 -0.50 6.92
N PRO A 29 10.01 0.48 7.64
CA PRO A 29 11.22 0.25 8.49
C PRO A 29 10.88 -0.44 9.80
N GLU A 30 11.90 -0.98 10.47
CA GLU A 30 11.68 -1.65 11.75
C GLU A 30 11.10 -0.65 12.76
N ILE A 31 9.81 -0.82 13.06
CA ILE A 31 9.13 0.09 14.00
C ILE A 31 8.51 -0.68 15.16
N HIS A 32 8.17 0.07 16.19
CA HIS A 32 7.58 -0.48 17.41
C HIS A 32 6.28 0.24 17.76
N GLY A 33 5.45 -0.41 18.58
CA GLY A 33 4.16 0.16 18.99
C GLY A 33 3.46 -0.76 19.98
N TYR A 1 5.93 1.44 -2.82
CA TYR A 1 4.75 0.64 -3.26
C TYR A 1 4.37 -0.34 -2.16
N ARG A 2 3.06 -0.64 -2.07
CA ARG A 2 2.55 -1.57 -1.06
C ARG A 2 2.40 -2.96 -1.67
N GLN A 3 3.13 -3.92 -1.12
CA GLN A 3 3.07 -5.31 -1.59
C GLN A 3 2.03 -6.10 -0.80
N SER A 4 1.35 -7.02 -1.50
CA SER A 4 0.33 -7.86 -0.86
C SER A 4 -0.72 -6.98 -0.15
N SER A 5 -1.21 -5.97 -0.87
CA SER A 5 -2.21 -5.06 -0.33
C SER A 5 -3.55 -5.78 -0.14
N ALA A 6 -4.40 -5.21 0.72
CA ALA A 6 -5.71 -5.80 1.00
C ALA A 6 -6.65 -5.66 -0.20
N THR A 7 -7.49 -6.67 -0.40
CA THR A 7 -8.46 -6.68 -1.51
C THR A 7 -9.90 -6.60 -1.00
N SER A 8 -10.08 -6.25 0.28
CA SER A 8 -11.40 -6.15 0.89
C SER A 8 -12.25 -5.04 0.23
N SER A 9 -11.57 -4.05 -0.36
CA SER A 9 -12.27 -2.94 -1.00
C SER A 9 -13.20 -3.43 -2.11
N PHE A 10 -12.71 -4.35 -2.94
CA PHE A 10 -13.51 -4.89 -4.02
C PHE A 10 -13.09 -6.32 -4.36
N GLY A 11 -13.97 -7.07 -5.03
CA GLY A 11 -13.66 -8.45 -5.40
C GLY A 11 -12.70 -8.48 -6.59
N GLY A 12 -11.72 -9.38 -6.54
CA GLY A 12 -10.74 -9.52 -7.61
C GLY A 12 -9.71 -8.41 -7.56
N LEU A 13 -8.90 -8.32 -8.62
CA LEU A 13 -7.85 -7.30 -8.71
C LEU A 13 -8.07 -6.46 -9.97
N GLY A 14 -8.23 -5.15 -9.79
CA GLY A 14 -8.44 -4.23 -10.91
C GLY A 14 -7.25 -4.26 -11.87
N GLY A 15 -6.05 -4.30 -11.30
CA GLY A 15 -4.82 -4.33 -12.09
C GLY A 15 -3.60 -4.31 -11.18
N GLY A 16 -2.41 -4.24 -11.79
CA GLY A 16 -1.17 -4.21 -11.03
C GLY A 16 -1.12 -3.00 -10.10
N SER A 17 -1.58 -1.86 -10.61
CA SER A 17 -1.59 -0.64 -9.80
C SER A 17 -2.64 -0.74 -8.70
N VAL A 18 -2.40 -0.05 -7.60
CA VAL A 18 -3.32 -0.05 -6.46
C VAL A 18 -3.67 1.38 -6.05
N ARG A 19 -4.81 1.54 -5.37
CA ARG A 19 -5.26 2.85 -4.93
C ARG A 19 -4.91 3.06 -3.47
N PHE A 20 -3.97 3.97 -3.24
CA PHE A 20 -3.48 4.29 -1.91
C PHE A 20 -3.49 5.79 -1.67
N GLY A 21 -3.42 6.19 -0.40
CA GLY A 21 -3.42 7.60 -0.05
C GLY A 21 -2.09 8.25 -0.46
N PRO A 22 -2.04 9.57 -0.66
CA PRO A 22 -0.78 10.27 -1.08
C PRO A 22 0.27 10.29 0.03
N GLY A 23 1.54 10.28 -0.37
CA GLY A 23 2.65 10.28 0.58
C GLY A 23 3.96 9.98 -0.12
N VAL A 24 5.00 9.71 0.67
CA VAL A 24 6.33 9.40 0.13
C VAL A 24 6.69 7.96 0.48
N ALA A 25 7.01 7.17 -0.57
CA ALA A 25 7.37 5.77 -0.37
C ALA A 25 8.88 5.64 -0.16
N PHE A 26 9.26 5.35 1.08
CA PHE A 26 10.67 5.21 1.45
C PHE A 26 10.92 3.85 2.12
N ARG A 27 12.14 3.35 2.02
CA ARG A 27 12.50 2.09 2.66
C ARG A 27 12.41 2.26 4.17
N ALA A 28 11.93 1.23 4.88
CA ALA A 28 11.78 1.32 6.33
C ALA A 28 13.17 1.45 6.99
N PRO A 29 13.51 2.58 7.62
CA PRO A 29 14.83 2.75 8.30
C PRO A 29 14.83 2.11 9.69
N GLU A 30 16.01 1.92 10.26
CA GLU A 30 16.11 1.32 11.60
C GLU A 30 15.44 2.25 12.61
N ILE A 31 14.45 1.71 13.32
CA ILE A 31 13.71 2.49 14.33
C ILE A 31 13.76 1.80 15.68
N HIS A 32 13.41 2.56 16.72
CA HIS A 32 13.45 2.03 18.09
C HIS A 32 12.10 2.21 18.78
N GLY A 33 11.69 1.19 19.54
CA GLY A 33 10.43 1.23 20.25
C GLY A 33 10.61 1.77 21.66
N TYR A 1 4.51 -0.82 -4.13
CA TYR A 1 3.10 -0.35 -4.35
C TYR A 1 2.30 -0.59 -3.07
N ARG A 2 1.41 0.36 -2.76
CA ARG A 2 0.57 0.26 -1.57
C ARG A 2 -0.75 -0.45 -1.91
N GLN A 3 -0.99 -1.59 -1.26
CA GLN A 3 -2.21 -2.35 -1.49
C GLN A 3 -3.30 -1.92 -0.51
N SER A 4 -4.55 -1.96 -0.98
CA SER A 4 -5.69 -1.56 -0.15
C SER A 4 -6.26 -2.77 0.59
N SER A 5 -6.30 -2.68 1.92
CA SER A 5 -6.81 -3.75 2.76
C SER A 5 -8.29 -4.01 2.44
N ALA A 6 -9.05 -2.93 2.29
CA ALA A 6 -10.48 -3.03 1.99
C ALA A 6 -10.70 -3.73 0.65
N THR A 7 -11.75 -4.55 0.59
CA THR A 7 -12.07 -5.29 -0.63
C THR A 7 -10.87 -6.09 -1.13
N SER A 8 -10.82 -7.37 -0.72
CA SER A 8 -9.72 -8.24 -1.12
C SER A 8 -9.73 -8.44 -2.63
N SER A 9 -8.53 -8.48 -3.23
CA SER A 9 -8.39 -8.66 -4.67
C SER A 9 -8.99 -9.99 -5.09
N PHE A 10 -9.61 -10.00 -6.27
CA PHE A 10 -10.24 -11.22 -6.78
C PHE A 10 -10.23 -11.21 -8.32
N GLY A 11 -10.44 -12.38 -8.92
CA GLY A 11 -10.44 -12.52 -10.38
C GLY A 11 -11.66 -11.85 -10.99
N GLY A 12 -11.63 -11.65 -12.30
CA GLY A 12 -12.73 -11.01 -13.02
C GLY A 12 -12.43 -9.53 -13.34
N LEU A 13 -11.41 -8.97 -12.68
CA LEU A 13 -11.03 -7.56 -12.90
C LEU A 13 -9.62 -7.48 -13.45
N GLY A 14 -9.42 -6.61 -14.44
CA GLY A 14 -8.12 -6.42 -15.06
C GLY A 14 -7.09 -5.96 -14.05
N GLY A 15 -7.51 -5.05 -13.16
CA GLY A 15 -6.62 -4.52 -12.13
C GLY A 15 -7.33 -3.42 -11.33
N GLY A 16 -6.57 -2.77 -10.45
CA GLY A 16 -7.11 -1.69 -9.62
C GLY A 16 -6.00 -0.79 -9.10
N SER A 17 -6.40 0.38 -8.58
CA SER A 17 -5.44 1.34 -8.05
C SER A 17 -5.83 1.79 -6.65
N VAL A 18 -4.83 2.18 -5.86
CA VAL A 18 -5.06 2.64 -4.49
C VAL A 18 -4.64 4.11 -4.38
N ARG A 19 -5.54 4.94 -3.85
CA ARG A 19 -5.26 6.37 -3.70
C ARG A 19 -4.64 6.64 -2.33
N PHE A 20 -3.39 7.11 -2.38
CA PHE A 20 -2.61 7.40 -1.17
C PHE A 20 -2.01 8.80 -1.27
N GLY A 21 -1.41 9.26 -0.17
CA GLY A 21 -0.80 10.59 -0.12
C GLY A 21 0.49 10.61 -0.96
N PRO A 22 1.17 11.75 -1.08
CA PRO A 22 2.44 11.85 -1.89
C PRO A 22 3.55 10.95 -1.35
N GLY A 23 3.48 10.63 -0.06
CA GLY A 23 4.48 9.78 0.58
C GLY A 23 4.24 8.31 0.21
N VAL A 24 5.17 7.45 0.62
CA VAL A 24 5.06 6.00 0.33
C VAL A 24 5.25 5.19 1.59
N ALA A 25 4.72 3.96 1.58
CA ALA A 25 4.84 3.06 2.72
C ALA A 25 6.05 2.15 2.57
N PHE A 26 7.07 2.39 3.41
CA PHE A 26 8.30 1.60 3.38
C PHE A 26 8.60 1.03 4.76
N ARG A 27 9.37 -0.06 4.79
CA ARG A 27 9.76 -0.68 6.05
C ARG A 27 10.65 0.29 6.81
N ALA A 28 10.38 0.47 8.10
CA ALA A 28 11.17 1.41 8.90
C ALA A 28 12.65 0.96 8.92
N PRO A 29 13.58 1.78 8.39
CA PRO A 29 15.03 1.43 8.39
C PRO A 29 15.68 1.67 9.75
N GLU A 30 16.87 1.10 9.95
CA GLU A 30 17.58 1.28 11.21
C GLU A 30 17.99 2.75 11.35
N ILE A 31 17.31 3.46 12.26
CA ILE A 31 17.59 4.88 12.49
C ILE A 31 17.94 5.12 13.95
N HIS A 32 18.52 6.30 14.22
CA HIS A 32 18.94 6.64 15.58
C HIS A 32 18.35 7.98 16.00
N GLY A 33 17.92 8.06 17.26
CA GLY A 33 17.33 9.28 17.80
C GLY A 33 15.85 9.36 17.46
N TYR A 1 2.24 2.57 -2.01
CA TYR A 1 1.04 1.70 -2.15
C TYR A 1 1.45 0.34 -2.69
N ARG A 2 1.25 -0.70 -1.86
CA ARG A 2 1.60 -2.06 -2.27
C ARG A 2 0.63 -2.55 -3.35
N GLN A 3 1.15 -3.31 -4.31
CA GLN A 3 0.32 -3.83 -5.41
C GLN A 3 -0.55 -4.98 -4.91
N SER A 4 -1.73 -5.11 -5.51
CA SER A 4 -2.67 -6.18 -5.15
C SER A 4 -2.96 -6.15 -3.63
N SER A 5 -3.11 -4.93 -3.10
CA SER A 5 -3.39 -4.76 -1.66
C SER A 5 -4.71 -5.43 -1.30
N ALA A 6 -5.73 -5.22 -2.14
CA ALA A 6 -7.05 -5.80 -1.91
C ALA A 6 -6.99 -7.33 -2.04
N THR A 7 -7.80 -8.01 -1.23
CA THR A 7 -7.85 -9.47 -1.24
C THR A 7 -8.46 -9.98 -2.55
N SER A 8 -9.38 -9.19 -3.12
CA SER A 8 -10.03 -9.57 -4.38
C SER A 8 -10.70 -10.94 -4.28
N SER A 9 -10.94 -11.41 -3.06
CA SER A 9 -11.58 -12.71 -2.84
C SER A 9 -13.11 -12.59 -2.86
N PHE A 10 -13.63 -11.36 -2.77
CA PHE A 10 -15.07 -11.12 -2.78
C PHE A 10 -15.46 -9.95 -3.71
N GLY A 11 -14.54 -9.57 -4.61
CA GLY A 11 -14.79 -8.47 -5.54
C GLY A 11 -14.31 -7.16 -4.94
N GLY A 12 -14.26 -6.12 -5.79
CA GLY A 12 -13.81 -4.79 -5.34
C GLY A 12 -14.84 -4.16 -4.42
N LEU A 13 -14.36 -3.36 -3.46
CA LEU A 13 -15.25 -2.69 -2.51
C LEU A 13 -15.09 -1.17 -2.64
N GLY A 14 -16.20 -0.48 -2.94
CA GLY A 14 -16.19 0.96 -3.09
C GLY A 14 -15.20 1.40 -4.17
N GLY A 15 -14.37 2.38 -3.84
CA GLY A 15 -13.37 2.90 -4.78
C GLY A 15 -12.38 1.81 -5.18
N GLY A 16 -11.98 1.00 -4.20
CA GLY A 16 -11.03 -0.09 -4.45
C GLY A 16 -9.59 0.42 -4.58
N SER A 17 -9.34 1.64 -4.08
CA SER A 17 -8.01 2.24 -4.15
C SER A 17 -7.80 3.22 -3.00
N VAL A 18 -6.53 3.56 -2.75
CA VAL A 18 -6.18 4.49 -1.68
C VAL A 18 -5.43 5.69 -2.28
N ARG A 19 -5.89 6.90 -1.94
CA ARG A 19 -5.25 8.12 -2.43
C ARG A 19 -4.17 8.58 -1.46
N PHE A 20 -2.95 8.57 -1.95
CA PHE A 20 -1.77 8.96 -1.17
C PHE A 20 -0.92 9.98 -1.93
N GLY A 21 -0.08 10.70 -1.20
CA GLY A 21 0.79 11.72 -1.80
C GLY A 21 1.90 11.04 -2.62
N PRO A 22 2.51 11.73 -3.59
CA PRO A 22 3.59 11.13 -4.43
C PRO A 22 4.93 11.08 -3.68
N GLY A 23 4.92 10.39 -2.54
CA GLY A 23 6.13 10.25 -1.73
C GLY A 23 6.91 9.01 -2.13
N VAL A 24 7.89 8.63 -1.30
CA VAL A 24 8.71 7.46 -1.57
C VAL A 24 8.45 6.40 -0.50
N ALA A 25 8.07 5.20 -0.93
CA ALA A 25 7.79 4.10 -0.01
C ALA A 25 9.06 3.33 0.28
N PHE A 26 9.54 3.47 1.53
CA PHE A 26 10.77 2.78 1.96
C PHE A 26 10.52 1.98 3.23
N ARG A 27 11.34 0.95 3.44
CA ARG A 27 11.22 0.11 4.64
C ARG A 27 11.54 0.97 5.85
N ALA A 28 10.71 0.88 6.88
CA ALA A 28 10.92 1.68 8.09
C ALA A 28 12.27 1.33 8.73
N PRO A 29 13.23 2.26 8.83
CA PRO A 29 14.56 1.98 9.46
C PRO A 29 14.49 2.02 10.98
N GLU A 30 15.52 1.47 11.63
CA GLU A 30 15.55 1.47 13.09
C GLU A 30 15.67 2.90 13.60
N ILE A 31 14.58 3.40 14.17
CA ILE A 31 14.53 4.77 14.69
C ILE A 31 14.14 4.78 16.17
N HIS A 32 14.38 5.91 16.82
CA HIS A 32 14.09 6.05 18.26
C HIS A 32 13.20 7.25 18.52
N GLY A 33 12.23 7.08 19.42
CA GLY A 33 11.30 8.15 19.77
C GLY A 33 9.99 7.59 20.30
N TYR A 1 -0.68 3.04 -7.38
CA TYR A 1 -1.32 2.12 -6.39
C TYR A 1 -0.31 1.07 -5.96
N ARG A 2 -0.31 0.75 -4.67
CA ARG A 2 0.60 -0.25 -4.12
C ARG A 2 -0.03 -1.64 -4.22
N GLN A 3 0.61 -2.53 -4.98
CA GLN A 3 0.11 -3.90 -5.15
C GLN A 3 0.75 -4.83 -4.12
N SER A 4 -0.06 -5.75 -3.58
CA SER A 4 0.42 -6.70 -2.59
C SER A 4 -0.11 -8.10 -2.90
N SER A 5 0.81 -9.05 -3.10
CA SER A 5 0.44 -10.43 -3.40
C SER A 5 -0.30 -11.06 -2.22
N ALA A 6 0.17 -10.77 -1.00
CA ALA A 6 -0.45 -11.31 0.20
C ALA A 6 -1.88 -10.80 0.38
N THR A 7 -2.77 -11.69 0.79
CA THR A 7 -4.17 -11.34 1.00
C THR A 7 -4.35 -10.46 2.26
N SER A 8 -3.41 -10.57 3.20
CA SER A 8 -3.46 -9.81 4.44
C SER A 8 -3.40 -8.31 4.15
N SER A 9 -4.07 -7.53 4.99
CA SER A 9 -4.09 -6.07 4.84
C SER A 9 -4.62 -5.69 3.45
N PHE A 10 -5.55 -6.49 2.92
CA PHE A 10 -6.12 -6.21 1.61
C PHE A 10 -7.54 -6.78 1.51
N GLY A 11 -8.52 -5.89 1.66
CA GLY A 11 -9.93 -6.29 1.59
C GLY A 11 -10.27 -6.87 0.22
N GLY A 12 -9.73 -6.25 -0.83
CA GLY A 12 -9.96 -6.70 -2.20
C GLY A 12 -9.36 -5.72 -3.20
N LEU A 13 -9.64 -5.96 -4.48
CA LEU A 13 -9.12 -5.09 -5.54
C LEU A 13 -10.10 -3.94 -5.81
N GLY A 14 -9.60 -2.71 -5.65
CA GLY A 14 -10.42 -1.53 -5.88
C GLY A 14 -10.92 -1.46 -7.31
N GLY A 15 -10.05 -1.82 -8.25
CA GLY A 15 -10.40 -1.81 -9.67
C GLY A 15 -10.06 -0.46 -10.34
N GLY A 16 -9.66 0.53 -9.53
CA GLY A 16 -9.31 1.85 -10.06
C GLY A 16 -8.09 2.42 -9.34
N SER A 17 -7.42 3.38 -9.99
CA SER A 17 -6.24 4.01 -9.42
C SER A 17 -6.61 4.92 -8.25
N VAL A 18 -5.61 5.25 -7.43
CA VAL A 18 -5.81 6.12 -6.28
C VAL A 18 -4.96 7.38 -6.45
N ARG A 19 -5.59 8.55 -6.29
CA ARG A 19 -4.88 9.82 -6.43
C ARG A 19 -4.32 10.26 -5.09
N PHE A 20 -3.00 10.36 -5.04
CA PHE A 20 -2.28 10.75 -3.83
C PHE A 20 -1.29 11.88 -4.14
N GLY A 21 -0.87 12.58 -3.09
CA GLY A 21 0.09 13.68 -3.24
C GLY A 21 1.51 13.15 -3.46
N PRO A 22 2.49 14.01 -3.77
CA PRO A 22 3.90 13.56 -4.01
C PRO A 22 4.46 12.77 -2.82
N GLY A 23 5.21 11.71 -3.12
CA GLY A 23 5.80 10.88 -2.09
C GLY A 23 6.37 9.60 -2.69
N VAL A 24 6.72 8.64 -1.82
CA VAL A 24 7.27 7.37 -2.26
C VAL A 24 6.61 6.21 -1.50
N ALA A 25 6.29 5.14 -2.22
CA ALA A 25 5.65 3.97 -1.62
C ALA A 25 6.70 2.93 -1.25
N PHE A 26 6.92 2.76 0.05
CA PHE A 26 7.90 1.79 0.55
C PHE A 26 7.26 0.84 1.56
N ARG A 27 7.86 -0.34 1.72
CA ARG A 27 7.35 -1.32 2.66
C ARG A 27 7.48 -0.75 4.08
N ALA A 28 6.41 -0.86 4.86
CA ALA A 28 6.42 -0.32 6.22
C ALA A 28 7.49 -1.04 7.07
N PRO A 29 8.53 -0.34 7.56
CA PRO A 29 9.59 -0.98 8.40
C PRO A 29 9.14 -1.14 9.85
N GLU A 30 9.85 -1.97 10.60
CA GLU A 30 9.50 -2.19 12.01
C GLU A 30 9.72 -0.90 12.77
N ILE A 31 8.63 -0.26 13.17
CA ILE A 31 8.69 1.01 13.91
C ILE A 31 7.93 0.90 15.22
N HIS A 32 8.17 1.87 16.11
CA HIS A 32 7.54 1.86 17.43
C HIS A 32 6.82 3.19 17.68
N GLY A 33 5.63 3.11 18.29
CA GLY A 33 4.85 4.30 18.59
C GLY A 33 3.57 3.94 19.35
N TYR A 1 4.72 2.06 -3.39
CA TYR A 1 3.31 2.23 -3.85
C TYR A 1 2.42 2.44 -2.64
N ARG A 2 1.40 3.29 -2.82
CA ARG A 2 0.45 3.60 -1.74
C ARG A 2 -0.77 2.69 -1.83
N GLN A 3 -0.99 1.90 -0.78
CA GLN A 3 -2.13 0.99 -0.72
C GLN A 3 -3.32 1.68 -0.06
N SER A 4 -4.51 1.45 -0.62
CA SER A 4 -5.74 2.05 -0.09
C SER A 4 -6.02 1.55 1.33
N SER A 5 -5.75 0.26 1.56
CA SER A 5 -5.98 -0.34 2.87
C SER A 5 -5.11 -1.57 3.07
N ALA A 6 -4.72 -1.83 4.33
CA ALA A 6 -3.88 -2.98 4.65
C ALA A 6 -4.62 -4.27 4.32
N THR A 7 -3.87 -5.26 3.83
CA THR A 7 -4.45 -6.55 3.45
C THR A 7 -4.71 -7.40 4.70
N SER A 8 -5.64 -8.35 4.58
CA SER A 8 -5.98 -9.22 5.71
C SER A 8 -4.79 -10.08 6.11
N SER A 9 -4.10 -10.63 5.10
CA SER A 9 -2.92 -11.48 5.34
C SER A 9 -2.38 -12.02 4.01
N PHE A 10 -3.27 -12.64 3.23
CA PHE A 10 -2.89 -13.23 1.94
C PHE A 10 -2.41 -12.14 0.96
N GLY A 11 -2.94 -10.93 1.10
CA GLY A 11 -2.57 -9.82 0.22
C GLY A 11 -3.81 -9.07 -0.25
N GLY A 12 -3.61 -8.14 -1.18
CA GLY A 12 -4.71 -7.34 -1.72
C GLY A 12 -4.76 -7.43 -3.24
N LEU A 13 -5.98 -7.43 -3.78
CA LEU A 13 -6.18 -7.52 -5.22
C LEU A 13 -5.59 -6.29 -5.91
N GLY A 14 -5.75 -5.12 -5.28
CA GLY A 14 -5.23 -3.88 -5.84
C GLY A 14 -5.84 -3.57 -7.20
N GLY A 15 -4.96 -3.26 -8.17
CA GLY A 15 -5.40 -2.92 -9.52
C GLY A 15 -5.65 -1.43 -9.67
N GLY A 16 -5.84 -0.98 -10.90
CA GLY A 16 -6.08 0.44 -11.18
C GLY A 16 -4.91 1.28 -10.67
N SER A 17 -5.23 2.34 -9.93
CA SER A 17 -4.21 3.22 -9.38
C SER A 17 -4.70 3.90 -8.10
N VAL A 18 -3.75 4.42 -7.32
CA VAL A 18 -4.07 5.11 -6.07
C VAL A 18 -3.56 6.54 -6.15
N ARG A 19 -4.44 7.50 -5.86
CA ARG A 19 -4.07 8.92 -5.91
C ARG A 19 -3.56 9.37 -4.55
N PHE A 20 -2.31 9.80 -4.54
CA PHE A 20 -1.63 10.26 -3.33
C PHE A 20 -0.98 11.62 -3.55
N GLY A 21 -0.71 12.32 -2.45
CA GLY A 21 -0.08 13.64 -2.52
C GLY A 21 1.44 13.52 -2.68
N PRO A 22 2.18 14.62 -2.79
CA PRO A 22 3.67 14.59 -2.95
C PRO A 22 4.35 13.82 -1.82
N GLY A 23 5.39 13.07 -2.17
CA GLY A 23 6.12 12.26 -1.19
C GLY A 23 7.09 11.33 -1.90
N VAL A 24 7.43 10.23 -1.23
CA VAL A 24 8.35 9.24 -1.80
C VAL A 24 7.73 7.84 -1.79
N ALA A 25 8.18 6.99 -2.70
CA ALA A 25 7.66 5.63 -2.81
C ALA A 25 8.69 4.63 -2.27
N PHE A 26 8.37 4.05 -1.11
CA PHE A 26 9.24 3.07 -0.48
C PHE A 26 8.48 1.79 -0.18
N ARG A 27 9.20 0.67 -0.05
CA ARG A 27 8.56 -0.61 0.25
C ARG A 27 7.98 -0.53 1.65
N ALA A 28 6.78 -1.07 1.83
CA ALA A 28 6.13 -1.04 3.15
C ALA A 28 6.92 -1.87 4.16
N PRO A 29 7.48 -1.27 5.22
CA PRO A 29 8.26 -2.03 6.25
C PRO A 29 7.33 -2.73 7.23
N GLU A 30 7.88 -3.70 7.98
CA GLU A 30 7.08 -4.44 8.96
C GLU A 30 6.66 -3.49 10.06
N ILE A 31 5.36 -3.14 10.08
CA ILE A 31 4.83 -2.23 11.09
C ILE A 31 3.67 -2.86 11.84
N HIS A 32 3.32 -2.27 12.97
CA HIS A 32 2.24 -2.81 13.82
C HIS A 32 1.19 -1.74 14.10
N GLY A 33 -0.09 -2.15 14.08
CA GLY A 33 -1.19 -1.23 14.33
C GLY A 33 -1.33 -0.93 15.83
N TYR A 1 2.50 1.45 -5.11
CA TYR A 1 1.96 1.17 -3.75
C TYR A 1 2.55 -0.16 -3.24
N ARG A 2 2.02 -0.64 -2.11
CA ARG A 2 2.49 -1.91 -1.54
C ARG A 2 1.54 -3.04 -1.92
N GLN A 3 2.10 -4.06 -2.59
CA GLN A 3 1.32 -5.21 -3.02
C GLN A 3 1.21 -6.23 -1.89
N SER A 4 0.06 -6.90 -1.80
CA SER A 4 -0.16 -7.91 -0.76
C SER A 4 -1.05 -9.03 -1.28
N SER A 5 -0.70 -10.26 -0.91
CA SER A 5 -1.46 -11.44 -1.33
C SER A 5 -2.87 -11.40 -0.77
N ALA A 6 -3.00 -10.96 0.48
CA ALA A 6 -4.29 -10.88 1.14
C ALA A 6 -5.23 -9.91 0.41
N THR A 7 -6.50 -10.30 0.32
CA THR A 7 -7.51 -9.48 -0.36
C THR A 7 -8.56 -8.92 0.62
N SER A 8 -8.28 -9.03 1.93
CA SER A 8 -9.21 -8.54 2.95
C SER A 8 -9.41 -7.03 2.81
N SER A 9 -8.32 -6.30 2.52
CA SER A 9 -8.39 -4.86 2.36
C SER A 9 -7.89 -4.45 0.97
N PHE A 10 -8.53 -3.42 0.41
CA PHE A 10 -8.17 -2.92 -0.91
C PHE A 10 -8.53 -1.44 -1.06
N GLY A 11 -7.86 -0.76 -1.99
CA GLY A 11 -8.10 0.67 -2.23
C GLY A 11 -9.53 0.94 -2.67
N GLY A 12 -10.04 0.09 -3.56
CA GLY A 12 -11.41 0.24 -4.07
C GLY A 12 -11.64 -0.66 -5.27
N LEU A 13 -12.80 -0.48 -5.92
CA LEU A 13 -13.15 -1.28 -7.11
C LEU A 13 -12.87 -0.51 -8.40
N GLY A 14 -12.02 0.53 -8.32
CA GLY A 14 -11.67 1.34 -9.49
C GLY A 14 -11.01 0.49 -10.57
N GLY A 15 -10.13 -0.41 -10.14
CA GLY A 15 -9.41 -1.29 -11.07
C GLY A 15 -8.46 -2.22 -10.32
N GLY A 16 -7.67 -2.97 -11.08
CA GLY A 16 -6.70 -3.91 -10.50
C GLY A 16 -5.68 -3.16 -9.63
N SER A 17 -5.26 -2.00 -10.11
CA SER A 17 -4.28 -1.19 -9.37
C SER A 17 -4.92 -0.57 -8.14
N VAL A 18 -4.08 -0.12 -7.22
CA VAL A 18 -4.55 0.50 -5.97
C VAL A 18 -4.24 1.99 -6.02
N ARG A 19 -5.28 2.83 -5.88
CA ARG A 19 -5.06 4.28 -5.91
C ARG A 19 -4.73 4.78 -4.52
N PHE A 20 -3.68 5.59 -4.47
CA PHE A 20 -3.16 6.16 -3.22
C PHE A 20 -3.02 7.67 -3.34
N GLY A 21 -3.07 8.35 -2.19
CA GLY A 21 -2.95 9.82 -2.16
C GLY A 21 -1.49 10.24 -2.38
N PRO A 22 -1.22 11.51 -2.67
CA PRO A 22 0.18 12.00 -2.89
C PRO A 22 1.08 11.72 -1.69
N GLY A 23 2.33 11.34 -1.97
CA GLY A 23 3.29 11.04 -0.92
C GLY A 23 4.60 10.50 -1.50
N VAL A 24 5.49 10.04 -0.62
CA VAL A 24 6.77 9.49 -1.06
C VAL A 24 6.88 8.03 -0.61
N ALA A 25 7.15 7.15 -1.59
CA ALA A 25 7.27 5.73 -1.30
C ALA A 25 8.71 5.38 -0.92
N PHE A 26 8.90 5.06 0.37
CA PHE A 26 10.23 4.70 0.89
C PHE A 26 10.19 3.35 1.60
N ARG A 27 11.36 2.71 1.68
CA ARG A 27 11.46 1.42 2.35
C ARG A 27 11.17 1.62 3.83
N ALA A 28 10.33 0.76 4.40
CA ALA A 28 9.96 0.89 5.81
C ALA A 28 11.21 0.76 6.69
N PRO A 29 11.60 1.80 7.46
CA PRO A 29 12.81 1.73 8.35
C PRO A 29 12.50 0.99 9.64
N GLU A 30 13.55 0.58 10.36
CA GLU A 30 13.37 -0.12 11.63
C GLU A 30 12.73 0.82 12.64
N ILE A 31 11.45 0.57 12.95
CA ILE A 31 10.72 1.41 13.90
C ILE A 31 10.15 0.56 15.03
N HIS A 32 9.74 1.24 16.11
CA HIS A 32 9.22 0.55 17.28
C HIS A 32 7.84 1.09 17.66
N GLY A 33 6.94 0.19 18.05
CA GLY A 33 5.58 0.57 18.43
C GLY A 33 5.52 0.93 19.91
N TYR A 1 5.96 1.30 -2.54
CA TYR A 1 4.54 1.25 -2.99
C TYR A 1 3.73 0.38 -2.03
N ARG A 2 2.72 0.99 -1.40
CA ARG A 2 1.86 0.28 -0.46
C ARG A 2 0.98 -0.73 -1.20
N GLN A 3 0.67 -1.85 -0.55
CA GLN A 3 -0.16 -2.88 -1.16
C GLN A 3 -1.63 -2.63 -0.86
N SER A 4 -2.49 -2.97 -1.83
CA SER A 4 -3.93 -2.80 -1.68
C SER A 4 -4.50 -3.80 -0.68
N SER A 5 -5.70 -3.51 -0.19
CA SER A 5 -6.37 -4.38 0.78
C SER A 5 -6.80 -5.68 0.11
N ALA A 6 -7.06 -6.70 0.93
CA ALA A 6 -7.49 -8.01 0.43
C ALA A 6 -8.79 -7.89 -0.34
N THR A 7 -8.89 -8.65 -1.44
CA THR A 7 -10.10 -8.64 -2.28
C THR A 7 -10.82 -9.99 -2.24
N SER A 8 -10.50 -10.84 -1.25
CA SER A 8 -11.13 -12.15 -1.12
C SER A 8 -12.64 -12.00 -0.92
N SER A 9 -13.03 -11.00 -0.11
CA SER A 9 -14.45 -10.75 0.16
C SER A 9 -15.19 -10.40 -1.12
N PHE A 10 -14.56 -9.60 -1.97
CA PHE A 10 -15.19 -9.16 -3.21
C PHE A 10 -14.36 -9.60 -4.42
N GLY A 11 -14.90 -10.54 -5.20
CA GLY A 11 -14.22 -11.05 -6.39
C GLY A 11 -14.60 -10.27 -7.66
N GLY A 12 -15.42 -9.22 -7.51
CA GLY A 12 -15.86 -8.43 -8.66
C GLY A 12 -14.68 -7.79 -9.37
N LEU A 13 -13.71 -7.30 -8.59
CA LEU A 13 -12.52 -6.66 -9.16
C LEU A 13 -11.34 -6.73 -8.18
N GLY A 14 -10.14 -6.55 -8.71
CA GLY A 14 -8.93 -6.59 -7.88
C GLY A 14 -8.73 -5.25 -7.17
N GLY A 15 -7.71 -5.22 -6.30
CA GLY A 15 -7.41 -4.01 -5.53
C GLY A 15 -7.04 -2.86 -6.46
N GLY A 16 -6.27 -3.17 -7.50
CA GLY A 16 -5.84 -2.16 -8.46
C GLY A 16 -4.80 -1.21 -7.84
N SER A 17 -4.65 -0.04 -8.44
CA SER A 17 -3.70 0.95 -7.94
C SER A 17 -4.21 1.57 -6.65
N VAL A 18 -3.30 2.21 -5.92
CA VAL A 18 -3.65 2.85 -4.64
C VAL A 18 -3.35 4.34 -4.75
N ARG A 19 -4.35 5.17 -4.42
CA ARG A 19 -4.19 6.63 -4.49
C ARG A 19 -3.67 7.16 -3.16
N PHE A 20 -2.50 7.77 -3.23
CA PHE A 20 -1.83 8.33 -2.06
C PHE A 20 -1.39 9.77 -2.32
N GLY A 21 -1.20 10.53 -1.24
CA GLY A 21 -0.79 11.92 -1.35
C GLY A 21 0.71 12.04 -1.66
N PRO A 22 1.23 13.23 -1.94
CA PRO A 22 2.69 13.41 -2.27
C PRO A 22 3.59 12.88 -1.15
N GLY A 23 4.70 12.25 -1.54
CA GLY A 23 5.64 11.68 -0.59
C GLY A 23 6.65 10.78 -1.30
N VAL A 24 7.41 10.02 -0.51
CA VAL A 24 8.41 9.12 -1.06
C VAL A 24 8.32 7.75 -0.36
N ALA A 25 8.42 6.68 -1.17
CA ALA A 25 8.35 5.32 -0.63
C ALA A 25 9.75 4.78 -0.39
N PHE A 26 10.12 4.66 0.89
CA PHE A 26 11.44 4.16 1.28
C PHE A 26 11.30 3.00 2.26
N ARG A 27 12.34 2.16 2.32
CA ARG A 27 12.34 1.03 3.24
C ARG A 27 12.38 1.56 4.67
N ALA A 28 11.59 0.95 5.56
CA ALA A 28 11.54 1.39 6.94
C ALA A 28 12.92 1.21 7.62
N PRO A 29 13.60 2.28 8.04
CA PRO A 29 14.94 2.16 8.71
C PRO A 29 14.80 1.76 10.17
N GLU A 30 15.90 1.31 10.77
CA GLU A 30 15.89 0.90 12.18
C GLU A 30 15.60 2.12 13.05
N ILE A 31 14.39 2.17 13.60
CA ILE A 31 13.97 3.29 14.45
C ILE A 31 13.52 2.80 15.82
N HIS A 32 13.43 3.73 16.78
CA HIS A 32 13.05 3.38 18.15
C HIS A 32 11.86 4.22 18.60
N GLY A 33 10.94 3.58 19.32
CA GLY A 33 9.75 4.28 19.83
C GLY A 33 10.09 5.12 21.04
N TYR A 1 6.40 2.95 -11.04
CA TYR A 1 5.24 2.02 -11.04
C TYR A 1 5.20 1.26 -9.72
N ARG A 2 3.99 1.07 -9.19
CA ARG A 2 3.81 0.35 -7.93
C ARG A 2 3.59 -1.14 -8.21
N GLN A 3 4.49 -1.97 -7.68
CA GLN A 3 4.38 -3.42 -7.88
C GLN A 3 3.22 -3.98 -7.05
N SER A 4 2.57 -5.02 -7.59
CA SER A 4 1.45 -5.65 -6.90
C SER A 4 1.88 -6.24 -5.56
N SER A 5 1.04 -6.06 -4.55
CA SER A 5 1.33 -6.58 -3.21
C SER A 5 0.03 -6.89 -2.48
N ALA A 6 0.04 -7.95 -1.67
CA ALA A 6 -1.14 -8.35 -0.92
C ALA A 6 -1.57 -7.25 0.06
N THR A 7 -2.86 -6.98 0.08
CA THR A 7 -3.42 -5.95 0.96
C THR A 7 -4.69 -6.45 1.64
N SER A 8 -5.08 -5.79 2.73
CA SER A 8 -6.29 -6.16 3.46
C SER A 8 -7.52 -5.82 2.63
N SER A 9 -8.64 -6.46 2.97
CA SER A 9 -9.91 -6.23 2.25
C SER A 9 -10.46 -4.84 2.56
N PHE A 10 -10.99 -4.18 1.53
CA PHE A 10 -11.56 -2.85 1.68
C PHE A 10 -12.73 -2.64 0.69
N GLY A 11 -13.49 -3.71 0.46
CA GLY A 11 -14.63 -3.65 -0.47
C GLY A 11 -14.26 -4.08 -1.89
N GLY A 12 -12.96 -4.26 -2.16
CA GLY A 12 -12.50 -4.67 -3.48
C GLY A 12 -12.68 -3.57 -4.52
N LEU A 13 -12.66 -2.32 -4.07
CA LEU A 13 -12.84 -1.17 -4.97
C LEU A 13 -11.72 -1.15 -6.03
N GLY A 14 -10.48 -1.40 -5.57
CA GLY A 14 -9.33 -1.40 -6.47
C GLY A 14 -9.31 -2.64 -7.35
N GLY A 15 -8.54 -2.57 -8.43
CA GLY A 15 -8.42 -3.69 -9.37
C GLY A 15 -6.96 -4.09 -9.55
N GLY A 16 -6.48 -4.03 -10.79
CA GLY A 16 -5.09 -4.38 -11.10
C GLY A 16 -4.12 -3.48 -10.34
N SER A 17 -4.46 -2.19 -10.24
CA SER A 17 -3.63 -1.22 -9.54
C SER A 17 -4.38 -0.64 -8.35
N VAL A 18 -3.63 -0.23 -7.33
CA VAL A 18 -4.22 0.34 -6.12
C VAL A 18 -3.95 1.84 -6.09
N ARG A 19 -5.01 2.65 -6.01
CA ARG A 19 -4.83 4.10 -5.98
C ARG A 19 -4.60 4.57 -4.55
N PHE A 20 -3.58 5.39 -4.40
CA PHE A 20 -3.17 5.93 -3.10
C PHE A 20 -3.04 7.45 -3.17
N GLY A 21 -3.14 8.09 -2.00
CA GLY A 21 -3.03 9.54 -1.92
C GLY A 21 -1.58 9.99 -2.12
N PRO A 22 -1.32 11.28 -2.35
CA PRO A 22 0.09 11.78 -2.55
C PRO A 22 1.00 11.39 -1.38
N GLY A 23 2.22 10.98 -1.71
CA GLY A 23 3.20 10.58 -0.70
C GLY A 23 4.37 9.85 -1.35
N VAL A 24 5.14 9.14 -0.52
CA VAL A 24 6.29 8.38 -1.03
C VAL A 24 6.25 6.95 -0.53
N ALA A 25 6.90 6.04 -1.28
CA ALA A 25 6.94 4.63 -0.90
C ALA A 25 8.33 4.25 -0.40
N PHE A 26 8.44 4.05 0.90
CA PHE A 26 9.71 3.69 1.53
C PHE A 26 9.57 2.42 2.36
N ARG A 27 10.68 1.73 2.59
CA ARG A 27 10.67 0.51 3.38
C ARG A 27 10.38 0.88 4.83
N ALA A 28 9.55 0.08 5.50
CA ALA A 28 9.19 0.36 6.88
C ALA A 28 10.44 0.29 7.79
N PRO A 29 10.85 1.38 8.44
CA PRO A 29 12.05 1.38 9.34
C PRO A 29 11.72 0.76 10.69
N GLU A 30 12.77 0.40 11.45
CA GLU A 30 12.56 -0.18 12.77
C GLU A 30 11.83 0.82 13.66
N ILE A 31 10.57 0.53 13.94
CA ILE A 31 9.74 1.41 14.77
C ILE A 31 9.21 0.66 15.99
N HIS A 32 9.92 0.83 17.11
CA HIS A 32 9.55 0.15 18.35
C HIS A 32 9.45 1.13 19.52
N GLY A 33 8.46 0.92 20.38
CA GLY A 33 8.25 1.78 21.54
C GLY A 33 9.50 1.84 22.41
N TYR A 1 2.38 0.98 -2.94
CA TYR A 1 1.14 1.48 -2.27
C TYR A 1 1.18 1.14 -0.79
N ARG A 2 0.72 2.08 0.03
CA ARG A 2 0.69 1.89 1.48
C ARG A 2 -0.68 1.39 1.91
N GLN A 3 -0.72 0.18 2.47
CA GLN A 3 -1.98 -0.42 2.93
C GLN A 3 -2.20 -0.11 4.41
N SER A 4 -3.35 0.52 4.71
CA SER A 4 -3.68 0.86 6.10
C SER A 4 -4.35 -0.30 6.83
N SER A 5 -5.08 -1.14 6.08
CA SER A 5 -5.77 -2.29 6.67
C SER A 5 -5.53 -3.54 5.84
N ALA A 6 -5.42 -4.69 6.52
CA ALA A 6 -5.19 -5.96 5.83
C ALA A 6 -6.36 -6.30 4.91
N THR A 7 -6.05 -6.72 3.69
CA THR A 7 -7.07 -7.07 2.70
C THR A 7 -6.71 -8.41 2.06
N SER A 8 -7.71 -9.29 1.95
CA SER A 8 -7.50 -10.61 1.35
C SER A 8 -7.04 -10.50 -0.10
N SER A 9 -7.66 -9.59 -0.85
CA SER A 9 -7.30 -9.38 -2.25
C SER A 9 -7.08 -7.89 -2.53
N PHE A 10 -6.12 -7.59 -3.41
CA PHE A 10 -5.81 -6.21 -3.76
C PHE A 10 -5.26 -6.12 -5.19
N GLY A 11 -5.29 -4.92 -5.77
CA GLY A 11 -4.80 -4.71 -7.14
C GLY A 11 -3.28 -4.60 -7.16
N GLY A 12 -2.72 -4.46 -8.35
CA GLY A 12 -1.26 -4.35 -8.50
C GLY A 12 -0.76 -3.03 -7.94
N LEU A 13 0.52 -2.99 -7.58
CA LEU A 13 1.13 -1.80 -7.02
C LEU A 13 1.32 -0.73 -8.10
N GLY A 14 1.09 0.53 -7.72
CA GLY A 14 1.23 1.65 -8.65
C GLY A 14 0.01 1.79 -9.53
N GLY A 15 0.04 2.79 -10.42
CA GLY A 15 -1.07 3.03 -11.34
C GLY A 15 -2.18 3.81 -10.66
N GLY A 16 -3.30 3.98 -11.37
CA GLY A 16 -4.46 4.70 -10.83
C GLY A 16 -5.54 3.75 -10.33
N SER A 17 -5.16 2.51 -10.03
CA SER A 17 -6.10 1.50 -9.55
C SER A 17 -6.75 1.97 -8.25
N VAL A 18 -5.93 2.57 -7.39
CA VAL A 18 -6.39 3.07 -6.10
C VAL A 18 -6.02 4.54 -5.98
N ARG A 19 -6.96 5.35 -5.48
CA ARG A 19 -6.72 6.79 -5.32
C ARG A 19 -6.14 7.06 -3.94
N PHE A 20 -4.87 7.42 -3.94
CA PHE A 20 -4.13 7.71 -2.71
C PHE A 20 -3.40 9.05 -2.82
N GLY A 21 -3.02 9.59 -1.67
CA GLY A 21 -2.32 10.88 -1.64
C GLY A 21 -0.89 10.72 -2.21
N PRO A 22 -0.26 11.78 -2.69
CA PRO A 22 1.12 11.69 -3.26
C PRO A 22 2.17 11.40 -2.19
N GLY A 23 3.23 10.70 -2.59
CA GLY A 23 4.31 10.34 -1.68
C GLY A 23 5.21 9.28 -2.30
N VAL A 24 5.94 8.57 -1.45
CA VAL A 24 6.83 7.51 -1.91
C VAL A 24 6.52 6.20 -1.19
N ALA A 25 6.37 5.13 -1.97
CA ALA A 25 6.07 3.81 -1.41
C ALA A 25 7.36 3.03 -1.17
N PHE A 26 7.72 2.89 0.11
CA PHE A 26 8.94 2.17 0.49
C PHE A 26 8.63 1.08 1.50
N ARG A 27 9.49 0.05 1.53
CA ARG A 27 9.32 -1.04 2.48
C ARG A 27 9.63 -0.50 3.86
N ALA A 28 8.85 -0.88 4.87
CA ALA A 28 9.07 -0.39 6.23
C ALA A 28 10.39 -0.94 6.80
N PRO A 29 11.41 -0.09 7.03
CA PRO A 29 12.70 -0.56 7.61
C PRO A 29 12.60 -0.67 9.13
N GLU A 30 13.53 -1.39 9.76
CA GLU A 30 13.49 -1.53 11.21
C GLU A 30 13.68 -0.14 11.82
N ILE A 31 12.57 0.43 12.30
CA ILE A 31 12.59 1.75 12.92
C ILE A 31 11.94 1.71 14.30
N HIS A 32 12.55 2.41 15.26
CA HIS A 32 12.04 2.44 16.63
C HIS A 32 11.88 3.89 17.09
N GLY A 33 10.85 4.12 17.92
CA GLY A 33 10.57 5.45 18.44
C GLY A 33 9.72 5.38 19.71
N TYR A 1 2.05 3.60 -0.64
CA TYR A 1 0.80 2.81 -0.80
C TYR A 1 0.68 1.81 0.34
N ARG A 2 -0.57 1.43 0.65
CA ARG A 2 -0.83 0.46 1.72
C ARG A 2 -1.05 -0.93 1.14
N GLN A 3 -0.37 -1.92 1.73
CA GLN A 3 -0.49 -3.31 1.26
C GLN A 3 -1.64 -4.00 1.97
N SER A 4 -2.34 -4.87 1.24
CA SER A 4 -3.48 -5.61 1.79
C SER A 4 -3.31 -7.11 1.53
N SER A 5 -3.85 -7.92 2.45
CA SER A 5 -3.76 -9.37 2.32
C SER A 5 -4.67 -9.86 1.20
N ALA A 6 -4.40 -11.08 0.71
CA ALA A 6 -5.19 -11.66 -0.37
C ALA A 6 -6.63 -11.89 0.07
N THR A 7 -7.57 -11.59 -0.83
CA THR A 7 -9.00 -11.75 -0.55
C THR A 7 -9.69 -12.47 -1.70
N SER A 8 -10.84 -13.09 -1.42
CA SER A 8 -11.59 -13.82 -2.44
C SER A 8 -13.07 -13.89 -2.08
N SER A 9 -13.92 -13.96 -3.10
CA SER A 9 -15.37 -14.05 -2.90
C SER A 9 -15.89 -12.81 -2.14
N PHE A 10 -15.62 -11.63 -2.69
CA PHE A 10 -16.06 -10.38 -2.08
C PHE A 10 -16.45 -9.36 -3.16
N GLY A 11 -17.33 -8.43 -2.78
CA GLY A 11 -17.79 -7.39 -3.71
C GLY A 11 -16.64 -6.51 -4.17
N GLY A 12 -15.76 -6.15 -3.23
CA GLY A 12 -14.61 -5.31 -3.53
C GLY A 12 -14.03 -4.70 -2.25
N LEU A 13 -12.87 -4.05 -2.39
CA LEU A 13 -12.22 -3.43 -1.23
C LEU A 13 -12.66 -1.97 -1.08
N GLY A 14 -12.85 -1.29 -2.21
CA GLY A 14 -13.28 0.12 -2.21
C GLY A 14 -12.14 1.06 -1.79
N GLY A 15 -10.89 0.57 -1.86
CA GLY A 15 -9.74 1.38 -1.47
C GLY A 15 -9.61 2.61 -2.37
N GLY A 16 -9.86 2.42 -3.67
CA GLY A 16 -9.78 3.52 -4.62
C GLY A 16 -8.33 3.76 -5.06
N SER A 17 -8.15 4.75 -5.93
CA SER A 17 -6.80 5.09 -6.41
C SER A 17 -6.50 6.56 -6.14
N VAL A 18 -5.28 6.82 -5.67
CA VAL A 18 -4.85 8.19 -5.37
C VAL A 18 -3.54 8.50 -6.09
N ARG A 19 -3.27 9.79 -6.29
CA ARG A 19 -2.05 10.22 -6.96
C ARG A 19 -0.97 10.53 -5.93
N PHE A 20 0.03 9.66 -5.90
CA PHE A 20 1.15 9.77 -4.97
C PHE A 20 2.48 9.66 -5.70
N GLY A 21 3.56 10.05 -5.03
CA GLY A 21 4.90 10.00 -5.62
C GLY A 21 5.34 8.53 -5.79
N PRO A 22 6.31 8.25 -6.66
CA PRO A 22 6.80 6.84 -6.89
C PRO A 22 7.43 6.23 -5.64
N GLY A 23 7.89 7.08 -4.73
CA GLY A 23 8.52 6.63 -3.49
C GLY A 23 7.46 6.18 -2.48
N VAL A 24 7.91 5.72 -1.32
CA VAL A 24 7.00 5.27 -0.27
C VAL A 24 7.12 6.19 0.95
N ALA A 25 5.98 6.72 1.39
CA ALA A 25 5.96 7.62 2.55
C ALA A 25 5.79 6.81 3.84
N PHE A 26 6.92 6.52 4.47
CA PHE A 26 6.94 5.76 5.72
C PHE A 26 7.71 6.54 6.79
N ARG A 27 7.66 6.05 8.03
CA ARG A 27 8.38 6.68 9.14
C ARG A 27 9.87 6.77 8.79
N ALA A 28 10.69 7.28 9.70
CA ALA A 28 12.12 7.41 9.43
C ALA A 28 12.71 6.05 9.02
N PRO A 29 13.90 6.02 8.42
CA PRO A 29 14.53 4.72 7.98
C PRO A 29 14.50 3.67 9.08
N GLU A 30 14.61 2.40 8.67
CA GLU A 30 14.57 1.27 9.62
C GLU A 30 15.40 1.56 10.86
N ILE A 31 14.72 1.50 12.02
CA ILE A 31 15.37 1.75 13.30
C ILE A 31 15.15 0.55 14.25
N HIS A 32 16.21 0.21 14.99
CA HIS A 32 16.16 -0.91 15.93
C HIS A 32 16.58 -0.47 17.32
N GLY A 33 15.98 -1.08 18.35
CA GLY A 33 16.28 -0.75 19.73
C GLY A 33 15.10 -1.06 20.64
N TYR A 1 0.31 9.79 2.04
CA TYR A 1 0.37 8.40 1.48
C TYR A 1 -0.36 7.45 2.43
N ARG A 2 -1.41 6.82 1.92
CA ARG A 2 -2.19 5.86 2.71
C ARG A 2 -1.39 4.58 2.95
N GLN A 3 -1.58 3.97 4.12
CA GLN A 3 -0.88 2.74 4.47
C GLN A 3 -1.58 1.53 3.86
N SER A 4 -0.80 0.54 3.46
CA SER A 4 -1.34 -0.69 2.85
C SER A 4 -0.46 -1.89 3.18
N SER A 5 -1.10 -3.05 3.32
CA SER A 5 -0.38 -4.29 3.63
C SER A 5 -1.12 -5.48 3.03
N ALA A 6 -0.41 -6.61 2.90
CA ALA A 6 -0.98 -7.83 2.34
C ALA A 6 -2.13 -8.31 3.20
N THR A 7 -3.20 -8.79 2.53
CA THR A 7 -4.38 -9.29 3.23
C THR A 7 -4.79 -10.65 2.67
N SER A 8 -5.56 -11.40 3.46
CA SER A 8 -6.02 -12.72 3.06
C SER A 8 -6.95 -12.63 1.85
N SER A 9 -7.75 -11.57 1.80
CA SER A 9 -8.70 -11.37 0.69
C SER A 9 -7.99 -11.22 -0.65
N PHE A 10 -6.86 -10.51 -0.66
CA PHE A 10 -6.10 -10.32 -1.91
C PHE A 10 -4.61 -10.10 -1.62
N GLY A 11 -3.77 -10.43 -2.61
CA GLY A 11 -2.32 -10.28 -2.48
C GLY A 11 -1.91 -8.83 -2.26
N GLY A 12 -2.54 -7.93 -3.01
CA GLY A 12 -2.25 -6.50 -2.90
C GLY A 12 -3.00 -5.70 -3.96
N LEU A 13 -2.72 -4.39 -4.01
CA LEU A 13 -3.37 -3.51 -4.98
C LEU A 13 -2.35 -2.93 -5.95
N GLY A 14 -2.75 -2.79 -7.21
CA GLY A 14 -1.87 -2.25 -8.26
C GLY A 14 -2.29 -0.83 -8.62
N GLY A 15 -1.30 0.00 -8.97
CA GLY A 15 -1.55 1.38 -9.35
C GLY A 15 -1.72 2.26 -8.11
N GLY A 16 -2.13 3.51 -8.32
CA GLY A 16 -2.33 4.45 -7.23
C GLY A 16 -3.79 4.48 -6.79
N SER A 17 -4.06 3.92 -5.61
CA SER A 17 -5.42 3.88 -5.07
C SER A 17 -5.94 5.29 -4.84
N VAL A 18 -5.09 6.12 -4.24
CA VAL A 18 -5.44 7.51 -3.94
C VAL A 18 -4.40 8.44 -4.55
N ARG A 19 -4.87 9.54 -5.15
CA ARG A 19 -3.95 10.49 -5.77
C ARG A 19 -3.40 11.44 -4.71
N PHE A 20 -2.08 11.42 -4.56
CA PHE A 20 -1.38 12.25 -3.58
C PHE A 20 -0.26 13.05 -4.27
N GLY A 21 0.47 13.84 -3.47
CA GLY A 21 1.56 14.66 -4.01
C GLY A 21 2.75 13.78 -4.41
N PRO A 22 3.92 14.36 -4.68
CA PRO A 22 5.12 13.56 -5.09
C PRO A 22 5.63 12.66 -3.96
N GLY A 23 6.09 11.46 -4.33
CA GLY A 23 6.59 10.50 -3.36
C GLY A 23 6.73 9.12 -4.00
N VAL A 24 6.91 8.11 -3.16
CA VAL A 24 7.05 6.73 -3.64
C VAL A 24 6.10 5.81 -2.89
N ALA A 25 5.71 4.71 -3.54
CA ALA A 25 4.80 3.74 -2.93
C ALA A 25 5.55 2.46 -2.59
N PHE A 26 5.82 2.27 -1.30
CA PHE A 26 6.55 1.09 -0.82
C PHE A 26 5.75 0.38 0.27
N ARG A 27 6.01 -0.92 0.43
CA ARG A 27 5.34 -1.69 1.47
C ARG A 27 5.84 -1.23 2.83
N ALA A 28 4.95 -1.14 3.81
CA ALA A 28 5.34 -0.68 5.14
C ALA A 28 6.37 -1.65 5.75
N PRO A 29 7.63 -1.24 5.98
CA PRO A 29 8.67 -2.13 6.58
C PRO A 29 8.53 -2.19 8.09
N GLU A 30 9.18 -3.18 8.71
CA GLU A 30 9.12 -3.32 10.16
C GLU A 30 9.76 -2.11 10.82
N ILE A 31 8.97 -1.39 11.62
CA ILE A 31 9.46 -0.19 12.32
C ILE A 31 9.23 -0.31 13.82
N HIS A 32 9.91 0.54 14.58
CA HIS A 32 9.82 0.51 16.04
C HIS A 32 9.42 1.89 16.59
N GLY A 33 8.55 1.88 17.60
CA GLY A 33 8.09 3.12 18.21
C GLY A 33 6.77 2.91 18.94
N TYR A 1 1.42 2.87 -3.63
CA TYR A 1 0.49 1.76 -3.25
C TYR A 1 0.69 0.59 -4.22
N ARG A 2 0.60 -0.62 -3.69
CA ARG A 2 0.77 -1.84 -4.50
C ARG A 2 -0.59 -2.27 -5.06
N GLN A 3 -0.70 -2.27 -6.39
CA GLN A 3 -1.94 -2.68 -7.05
C GLN A 3 -1.90 -4.17 -7.38
N SER A 4 -3.05 -4.84 -7.22
CA SER A 4 -3.15 -6.26 -7.51
C SER A 4 -4.59 -6.63 -7.86
N SER A 5 -4.75 -7.76 -8.55
CA SER A 5 -6.09 -8.23 -8.94
C SER A 5 -6.75 -9.07 -7.84
N ALA A 6 -5.96 -9.47 -6.83
CA ALA A 6 -6.48 -10.28 -5.72
C ALA A 6 -7.50 -9.50 -4.90
N THR A 7 -8.60 -10.17 -4.53
CA THR A 7 -9.66 -9.54 -3.73
C THR A 7 -9.90 -10.32 -2.43
N SER A 8 -8.93 -11.15 -2.03
CA SER A 8 -9.05 -11.96 -0.81
C SER A 8 -9.20 -11.06 0.41
N SER A 9 -8.40 -10.00 0.47
CA SER A 9 -8.44 -9.08 1.60
C SER A 9 -9.80 -8.41 1.71
N PHE A 10 -10.36 -8.04 0.56
CA PHE A 10 -11.67 -7.37 0.53
C PHE A 10 -12.48 -7.85 -0.67
N GLY A 11 -13.28 -8.89 -0.45
CA GLY A 11 -14.11 -9.47 -1.50
C GLY A 11 -15.20 -8.51 -2.00
N GLY A 12 -15.80 -7.77 -1.05
CA GLY A 12 -16.89 -6.84 -1.38
C GLY A 12 -16.48 -5.76 -2.38
N LEU A 13 -15.27 -5.21 -2.21
CA LEU A 13 -14.79 -4.16 -3.11
C LEU A 13 -13.46 -4.56 -3.76
N GLY A 14 -13.27 -4.12 -5.00
CA GLY A 14 -12.04 -4.42 -5.74
C GLY A 14 -10.86 -3.65 -5.15
N GLY A 15 -9.65 -4.07 -5.52
CA GLY A 15 -8.43 -3.42 -5.02
C GLY A 15 -8.39 -1.96 -5.43
N GLY A 16 -8.79 -1.68 -6.68
CA GLY A 16 -8.79 -0.31 -7.19
C GLY A 16 -7.41 0.32 -7.08
N SER A 17 -7.36 1.53 -6.54
CA SER A 17 -6.11 2.25 -6.36
C SER A 17 -6.21 3.27 -5.24
N VAL A 18 -5.05 3.73 -4.75
CA VAL A 18 -4.99 4.71 -3.68
C VAL A 18 -4.21 5.94 -4.15
N ARG A 19 -4.80 7.12 -3.96
CA ARG A 19 -4.14 8.36 -4.38
C ARG A 19 -3.31 8.93 -3.24
N PHE A 20 -2.01 8.97 -3.47
CA PHE A 20 -1.04 9.46 -2.49
C PHE A 20 -0.11 10.49 -3.13
N GLY A 21 0.71 11.13 -2.29
CA GLY A 21 1.65 12.15 -2.77
C GLY A 21 2.83 11.48 -3.51
N PRO A 22 3.83 12.24 -3.95
CA PRO A 22 5.01 11.66 -4.69
C PRO A 22 5.80 10.67 -3.83
N GLY A 23 5.70 10.81 -2.51
CA GLY A 23 6.40 9.92 -1.58
C GLY A 23 5.71 8.56 -1.52
N VAL A 24 6.36 7.61 -0.85
CA VAL A 24 5.81 6.26 -0.73
C VAL A 24 5.98 5.74 0.71
N ALA A 25 4.97 5.02 1.19
CA ALA A 25 4.99 4.46 2.54
C ALA A 25 5.78 3.16 2.56
N PHE A 26 6.97 3.21 3.13
CA PHE A 26 7.84 2.03 3.22
C PHE A 26 8.27 1.78 4.66
N ARG A 27 8.79 0.58 4.92
CA ARG A 27 9.30 0.26 6.24
C ARG A 27 10.73 0.78 6.31
N ALA A 28 10.96 1.76 7.18
CA ALA A 28 12.27 2.36 7.32
C ALA A 28 13.11 1.63 8.37
N PRO A 29 14.44 1.80 8.36
CA PRO A 29 15.31 1.14 9.37
C PRO A 29 14.85 1.52 10.77
N GLU A 30 15.31 0.79 11.79
CA GLU A 30 14.90 1.06 13.18
C GLU A 30 14.87 2.56 13.47
N ILE A 31 13.72 3.04 13.96
CA ILE A 31 13.55 4.46 14.24
C ILE A 31 13.29 4.68 15.73
N HIS A 32 13.43 5.93 16.17
CA HIS A 32 13.24 6.27 17.58
C HIS A 32 12.22 7.39 17.75
N GLY A 33 11.37 7.27 18.77
CA GLY A 33 10.35 8.27 19.03
C GLY A 33 9.76 8.09 20.43
N TYR A 1 4.79 0.74 -5.06
CA TYR A 1 4.38 1.20 -3.70
C TYR A 1 3.66 0.03 -2.98
N ARG A 2 2.99 0.33 -1.87
CA ARG A 2 2.26 -0.69 -1.11
C ARG A 2 0.91 -0.97 -1.76
N GLN A 3 0.72 -2.21 -2.23
CA GLN A 3 -0.54 -2.60 -2.86
C GLN A 3 -1.48 -3.21 -1.81
N SER A 4 -2.67 -2.63 -1.68
CA SER A 4 -3.67 -3.11 -0.72
C SER A 4 -4.11 -4.53 -1.06
N SER A 5 -4.29 -4.80 -2.36
CA SER A 5 -4.72 -6.13 -2.82
C SER A 5 -5.98 -6.59 -2.08
N ALA A 6 -6.82 -5.62 -1.67
CA ALA A 6 -8.06 -5.92 -0.97
C ALA A 6 -9.10 -6.51 -1.93
N THR A 7 -9.90 -7.45 -1.42
CA THR A 7 -10.94 -8.09 -2.22
C THR A 7 -12.30 -7.91 -1.56
N SER A 8 -13.31 -7.59 -2.38
CA SER A 8 -14.67 -7.40 -1.88
C SER A 8 -15.23 -8.72 -1.34
N SER A 9 -14.89 -9.81 -2.06
CA SER A 9 -15.34 -11.14 -1.67
C SER A 9 -14.34 -12.21 -2.13
N PHE A 10 -13.66 -11.95 -3.26
CA PHE A 10 -12.69 -12.88 -3.81
C PHE A 10 -11.62 -12.14 -4.62
N GLY A 11 -10.51 -12.83 -4.91
CA GLY A 11 -9.41 -12.24 -5.67
C GLY A 11 -9.80 -12.09 -7.15
N GLY A 12 -8.82 -12.27 -8.03
CA GLY A 12 -9.07 -12.15 -9.47
C GLY A 12 -9.18 -10.69 -9.91
N LEU A 13 -8.70 -9.76 -9.08
CA LEU A 13 -8.75 -8.33 -9.39
C LEU A 13 -7.77 -7.98 -10.51
N GLY A 14 -8.17 -7.05 -11.36
CA GLY A 14 -7.34 -6.62 -12.48
C GLY A 14 -6.31 -5.60 -12.03
N GLY A 15 -5.51 -5.10 -12.97
CA GLY A 15 -4.47 -4.12 -12.67
C GLY A 15 -5.09 -2.78 -12.28
N GLY A 16 -4.35 -2.00 -11.50
CA GLY A 16 -4.82 -0.69 -11.05
C GLY A 16 -3.78 -0.01 -10.17
N SER A 17 -4.17 1.12 -9.58
CA SER A 17 -3.28 1.88 -8.70
C SER A 17 -4.07 2.63 -7.64
N VAL A 18 -3.37 3.06 -6.59
CA VAL A 18 -3.99 3.80 -5.49
C VAL A 18 -3.40 5.21 -5.43
N ARG A 19 -4.27 6.22 -5.41
CA ARG A 19 -3.82 7.61 -5.35
C ARG A 19 -3.69 8.06 -3.90
N PHE A 20 -2.48 8.43 -3.54
CA PHE A 20 -2.15 8.87 -2.18
C PHE A 20 -1.40 10.20 -2.22
N GLY A 21 -1.04 10.71 -1.03
CA GLY A 21 -0.32 11.97 -0.93
C GLY A 21 1.14 11.82 -1.40
N PRO A 22 1.96 12.87 -1.32
CA PRO A 22 3.39 12.80 -1.77
C PRO A 22 4.21 11.77 -0.98
N GLY A 23 3.76 11.48 0.25
CA GLY A 23 4.45 10.50 1.10
C GLY A 23 4.28 9.10 0.54
N VAL A 24 5.21 8.21 0.89
CA VAL A 24 5.16 6.82 0.41
C VAL A 24 5.32 5.85 1.58
N ALA A 25 4.84 4.63 1.38
CA ALA A 25 4.92 3.59 2.40
C ALA A 25 6.22 2.79 2.23
N PHE A 26 7.13 2.97 3.18
CA PHE A 26 8.42 2.28 3.16
C PHE A 26 8.66 1.55 4.49
N ARG A 27 9.51 0.52 4.43
CA ARG A 27 9.84 -0.24 5.64
C ARG A 27 10.65 0.65 6.57
N ALA A 28 10.37 0.57 7.87
CA ALA A 28 11.08 1.41 8.83
C ALA A 28 12.58 1.03 8.87
N PRO A 29 13.49 1.90 8.45
CA PRO A 29 14.95 1.61 8.48
C PRO A 29 15.53 1.83 9.87
N GLU A 30 16.73 1.29 10.11
CA GLU A 30 17.37 1.45 11.41
C GLU A 30 17.63 2.93 11.67
N ILE A 31 17.06 3.45 12.75
CA ILE A 31 17.23 4.86 13.13
C ILE A 31 17.78 4.98 14.54
N HIS A 32 18.29 6.15 14.86
CA HIS A 32 18.90 6.38 16.18
C HIS A 32 18.28 7.59 16.85
N GLY A 33 18.07 7.48 18.17
CA GLY A 33 17.46 8.56 18.95
C GLY A 33 15.96 8.56 18.82
N TYR A 1 6.42 2.05 -8.60
CA TYR A 1 5.74 3.11 -7.79
C TYR A 1 5.54 2.58 -6.36
N ARG A 2 4.66 3.24 -5.59
CA ARG A 2 4.38 2.83 -4.21
C ARG A 2 3.59 1.53 -4.18
N GLN A 3 4.17 0.49 -3.59
CA GLN A 3 3.50 -0.81 -3.49
C GLN A 3 2.73 -0.92 -2.18
N SER A 4 1.55 -1.53 -2.24
CA SER A 4 0.71 -1.70 -1.04
C SER A 4 0.31 -3.16 -0.88
N SER A 5 0.14 -3.58 0.38
CA SER A 5 -0.23 -4.96 0.69
C SER A 5 -1.64 -5.25 0.17
N ALA A 6 -1.85 -6.48 -0.29
CA ALA A 6 -3.16 -6.89 -0.82
C ALA A 6 -4.21 -6.86 0.29
N THR A 7 -5.41 -6.40 -0.07
CA THR A 7 -6.52 -6.32 0.89
C THR A 7 -7.68 -7.19 0.40
N SER A 8 -8.15 -8.08 1.28
CA SER A 8 -9.26 -8.96 0.95
C SER A 8 -10.23 -9.07 2.11
N SER A 9 -11.47 -8.58 1.88
CA SER A 9 -12.50 -8.62 2.91
C SER A 9 -13.83 -8.14 2.34
N PHE A 10 -13.76 -7.08 1.54
CA PHE A 10 -14.96 -6.51 0.91
C PHE A 10 -15.15 -7.05 -0.52
N GLY A 11 -14.04 -7.21 -1.23
CA GLY A 11 -14.07 -7.74 -2.60
C GLY A 11 -14.29 -6.64 -3.63
N GLY A 12 -13.73 -6.84 -4.83
CA GLY A 12 -13.87 -5.87 -5.91
C GLY A 12 -12.70 -4.90 -5.93
N LEU A 13 -11.84 -5.02 -6.93
CA LEU A 13 -10.68 -4.14 -7.07
C LEU A 13 -10.68 -3.45 -8.43
N GLY A 14 -10.30 -2.17 -8.42
CA GLY A 14 -10.26 -1.38 -9.66
C GLY A 14 -9.28 -1.98 -10.66
N GLY A 15 -8.13 -2.43 -10.16
CA GLY A 15 -7.11 -3.03 -11.01
C GLY A 15 -5.87 -3.42 -10.20
N GLY A 16 -4.86 -3.92 -10.90
CA GLY A 16 -3.61 -4.32 -10.25
C GLY A 16 -2.94 -3.15 -9.55
N SER A 17 -2.97 -1.98 -10.20
CA SER A 17 -2.37 -0.78 -9.65
C SER A 17 -3.12 -0.31 -8.41
N VAL A 18 -2.40 0.36 -7.50
CA VAL A 18 -3.00 0.87 -6.27
C VAL A 18 -2.98 2.40 -6.30
N ARG A 19 -4.15 3.00 -6.08
CA ARG A 19 -4.26 4.46 -6.08
C ARG A 19 -4.03 5.02 -4.68
N PHE A 20 -2.99 5.84 -4.58
CA PHE A 20 -2.59 6.44 -3.32
C PHE A 20 -2.41 7.95 -3.47
N GLY A 21 -2.50 8.67 -2.35
CA GLY A 21 -2.34 10.12 -2.36
C GLY A 21 -0.86 10.51 -2.39
N PRO A 22 -0.53 11.81 -2.50
CA PRO A 22 0.90 12.26 -2.53
C PRO A 22 1.68 11.81 -1.30
N GLY A 23 2.94 11.43 -1.50
CA GLY A 23 3.79 10.98 -0.42
C GLY A 23 5.14 10.50 -0.95
N VAL A 24 5.97 9.98 -0.04
CA VAL A 24 7.31 9.49 -0.42
C VAL A 24 7.40 8.00 -0.09
N ALA A 25 7.76 7.19 -1.09
CA ALA A 25 7.90 5.75 -0.90
C ALA A 25 9.32 5.41 -0.45
N PHE A 26 9.44 5.01 0.82
CA PHE A 26 10.74 4.64 1.39
C PHE A 26 10.69 3.24 2.00
N ARG A 27 11.86 2.61 2.09
CA ARG A 27 11.94 1.28 2.68
C ARG A 27 11.59 1.38 4.16
N ALA A 28 10.72 0.49 4.62
CA ALA A 28 10.29 0.52 6.02
C ALA A 28 11.51 0.33 6.96
N PRO A 29 11.92 1.34 7.73
CA PRO A 29 13.07 1.20 8.68
C PRO A 29 12.65 0.52 9.97
N GLU A 30 13.63 0.05 10.75
CA GLU A 30 13.33 -0.61 12.02
C GLU A 30 12.67 0.39 12.95
N ILE A 31 11.49 0.03 13.45
CA ILE A 31 10.74 0.90 14.37
C ILE A 31 10.44 0.18 15.68
N HIS A 32 10.07 0.94 16.69
CA HIS A 32 9.79 0.36 18.02
C HIS A 32 8.40 0.77 18.49
N GLY A 33 7.70 -0.19 19.12
CA GLY A 33 6.36 0.07 19.63
C GLY A 33 6.38 0.28 21.15
N TYR A 1 6.09 3.45 -5.49
CA TYR A 1 4.96 2.50 -5.68
C TYR A 1 4.31 2.19 -4.34
N ARG A 2 2.97 2.18 -4.33
CA ARG A 2 2.22 1.89 -3.11
C ARG A 2 1.92 0.40 -3.01
N GLN A 3 2.34 -0.21 -1.90
CA GLN A 3 2.12 -1.64 -1.67
C GLN A 3 0.69 -1.88 -1.16
N SER A 4 0.06 -2.93 -1.70
CA SER A 4 -1.30 -3.28 -1.31
C SER A 4 -1.37 -3.64 0.18
N SER A 5 -0.37 -4.37 0.65
CA SER A 5 -0.32 -4.78 2.06
C SER A 5 -1.62 -5.47 2.46
N ALA A 6 -1.76 -5.81 3.74
CA ALA A 6 -2.97 -6.48 4.24
C ALA A 6 -4.17 -5.54 4.07
N THR A 7 -5.22 -6.05 3.44
CA THR A 7 -6.43 -5.27 3.21
C THR A 7 -7.67 -6.09 3.56
N SER A 8 -8.61 -5.47 4.28
CA SER A 8 -9.85 -6.16 4.68
C SER A 8 -10.63 -6.60 3.45
N SER A 9 -10.72 -5.70 2.47
CA SER A 9 -11.44 -5.99 1.22
C SER A 9 -10.46 -6.10 0.07
N PHE A 10 -10.62 -7.14 -0.76
CA PHE A 10 -9.74 -7.32 -1.91
C PHE A 10 -10.25 -8.43 -2.82
N GLY A 11 -10.80 -8.03 -3.97
CA GLY A 11 -11.31 -9.00 -4.95
C GLY A 11 -10.18 -9.88 -5.47
N GLY A 12 -9.02 -9.27 -5.72
CA GLY A 12 -7.85 -10.00 -6.22
C GLY A 12 -6.70 -9.05 -6.54
N LEU A 13 -5.58 -9.62 -6.96
CA LEU A 13 -4.39 -8.83 -7.31
C LEU A 13 -4.68 -7.92 -8.50
N GLY A 14 -5.44 -8.43 -9.47
CA GLY A 14 -5.78 -7.65 -10.66
C GLY A 14 -4.52 -7.24 -11.42
N GLY A 15 -4.44 -5.95 -11.76
CA GLY A 15 -3.28 -5.42 -12.49
C GLY A 15 -3.45 -3.93 -12.77
N GLY A 16 -2.49 -3.37 -13.52
CA GLY A 16 -2.52 -1.95 -13.86
C GLY A 16 -1.96 -1.10 -12.73
N SER A 17 -2.07 0.22 -12.89
CA SER A 17 -1.57 1.16 -11.89
C SER A 17 -2.44 1.12 -10.63
N VAL A 18 -1.89 1.65 -9.54
CA VAL A 18 -2.60 1.69 -8.26
C VAL A 18 -2.83 3.15 -7.86
N ARG A 19 -4.09 3.49 -7.55
CA ARG A 19 -4.42 4.85 -7.16
C ARG A 19 -4.31 5.01 -5.64
N PHE A 20 -3.43 5.90 -5.24
CA PHE A 20 -3.15 6.17 -3.83
C PHE A 20 -3.21 7.67 -3.54
N GLY A 21 -3.42 8.01 -2.27
CA GLY A 21 -3.49 9.41 -1.85
C GLY A 21 -2.09 10.02 -1.72
N PRO A 22 -1.98 11.33 -1.45
CA PRO A 22 -0.63 11.99 -1.31
C PRO A 22 0.22 11.32 -0.23
N GLY A 23 1.52 11.20 -0.52
CA GLY A 23 2.46 10.57 0.41
C GLY A 23 3.79 10.29 -0.28
N VAL A 24 4.64 9.52 0.40
CA VAL A 24 5.95 9.16 -0.15
C VAL A 24 6.22 7.67 0.06
N ALA A 25 6.76 7.03 -0.97
CA ALA A 25 7.07 5.60 -0.91
C ALA A 25 8.53 5.38 -0.52
N PHE A 26 8.73 4.91 0.70
CA PHE A 26 10.08 4.65 1.22
C PHE A 26 10.21 3.21 1.71
N ARG A 27 11.45 2.70 1.71
CA ARG A 27 11.71 1.35 2.18
C ARG A 27 11.40 1.30 3.68
N ALA A 28 10.65 0.27 4.10
CA ALA A 28 10.28 0.16 5.51
C ALA A 28 11.54 0.04 6.38
N PRO A 29 11.86 1.04 7.23
CA PRO A 29 13.06 0.98 8.11
C PRO A 29 12.79 0.13 9.35
N GLU A 30 13.85 -0.26 10.04
CA GLU A 30 13.70 -1.06 11.26
C GLU A 30 12.94 -0.25 12.30
N ILE A 31 11.83 -0.81 12.79
CA ILE A 31 11.00 -0.15 13.80
C ILE A 31 10.83 -1.04 15.02
N HIS A 32 10.42 -0.44 16.13
CA HIS A 32 10.26 -1.18 17.39
C HIS A 32 8.85 -0.97 17.95
N GLY A 33 8.29 -2.06 18.50
CA GLY A 33 6.95 -2.01 19.07
C GLY A 33 5.89 -2.30 18.02
#